data_9F8Z
#
_entry.id   9F8Z
#
_cell.length_a   80.643
_cell.length_b   82.369
_cell.length_c   171.967
_cell.angle_alpha   90.000
_cell.angle_beta   90.000
_cell.angle_gamma   90.000
#
_symmetry.space_group_name_H-M   'P 21 21 21'
#
loop_
_entity.id
_entity.type
_entity.pdbx_description
1 polymer 'N-glycosylase/DNA lyase'
2 non-polymer ~{N}4-(5-chloranyl-6-methoxy-pyridin-3-yl)-1~{H}-pyrazolo[3,4-d]pyrimidine-4,6-diamine
3 non-polymer 'NICKEL (II) ION'
4 non-polymer 'SULFATE ION'
5 water water
#
_entity_poly.entity_id   1
_entity_poly.type   'polypeptide(L)'
_entity_poly.pdbx_seq_one_letter_code
;GSHMRHRTLSSSPALWASIPCPRSELRLDLVLASGQSFRWKEQSPAHWSGVLADQVWTLTQTEDQLYCTVYRGDDSQVSR
PTLEELETLHKYFQLDVSLAQLYSHWASVDSHFQRVAQKFQGVRLLRQDPTECLFSFICSSNNNIARITGMVERLCQAFG
PRLIQLDDVTYHGFPNLHALAGPEAETHLRKLGLGYRARYVRASAKAILEEQGGPAWLQQLRVAPYEEAHKALCTLPGVG
AKVADCICLMALDKPQAVPVDVHVWQIAHRDYGWHPKTSQAKGPSPLANKELGNFFRNLWGPYAGWAQAVLFSADLRQ
;
_entity_poly.pdbx_strand_id   A,B,C
#
loop_
_chem_comp.id
_chem_comp.type
_chem_comp.name
_chem_comp.formula
A1IBJ non-polymer ~{N}4-(5-chloranyl-6-methoxy-pyridin-3-yl)-1~{H}-pyrazolo[3,4-d]pyrimidine-4,6-diamine 'C11 H10 Cl N7 O'
NI non-polymer 'NICKEL (II) ION' 'Ni 2'
SO4 non-polymer 'SULFATE ION' 'O4 S -2'
#
# COMPACT_ATOMS: atom_id res chain seq x y z
N HIS A 3 -5.26 -30.97 -39.44
CA HIS A 3 -5.06 -30.02 -38.31
C HIS A 3 -5.78 -28.72 -38.65
N MET A 4 -6.65 -28.27 -37.74
CA MET A 4 -7.27 -26.95 -37.84
C MET A 4 -6.54 -26.01 -36.88
N ARG A 5 -6.54 -24.71 -37.17
CA ARG A 5 -5.65 -23.80 -36.46
C ARG A 5 -6.48 -22.75 -35.73
N HIS A 6 -5.91 -22.28 -34.60
CA HIS A 6 -6.42 -21.15 -33.86
C HIS A 6 -6.41 -19.90 -34.74
N ARG A 7 -7.56 -19.25 -34.86
CA ARG A 7 -7.69 -18.07 -35.70
C ARG A 7 -7.17 -16.83 -34.98
N THR A 8 -6.50 -15.95 -35.75
CA THR A 8 -6.36 -14.54 -35.38
C THR A 8 -7.30 -13.71 -36.27
N LEU A 9 -7.28 -12.39 -36.09
CA LEU A 9 -8.19 -11.49 -36.78
C LEU A 9 -7.63 -11.17 -38.17
N SER A 10 -6.29 -11.16 -38.22
CA SER A 10 -5.56 -11.20 -39.47
C SER A 10 -5.89 -12.47 -40.25
N SER A 11 -5.58 -13.64 -39.66
CA SER A 11 -5.68 -14.95 -40.29
C SER A 11 -6.88 -15.09 -41.22
N SER A 12 -8.07 -14.69 -40.77
CA SER A 12 -9.27 -15.12 -41.44
C SER A 12 -10.42 -14.15 -41.18
N PRO A 13 -10.29 -12.86 -41.58
CA PRO A 13 -11.27 -11.83 -41.21
C PRO A 13 -12.67 -12.06 -41.77
N ALA A 14 -12.78 -13.02 -42.69
CA ALA A 14 -14.04 -13.50 -43.26
C ALA A 14 -14.93 -14.10 -42.17
N LEU A 15 -14.29 -14.79 -41.22
CA LEU A 15 -14.98 -15.69 -40.29
C LEU A 15 -15.22 -15.05 -38.93
N TRP A 16 -14.94 -13.75 -38.81
CA TRP A 16 -15.19 -12.99 -37.60
C TRP A 16 -16.48 -12.18 -37.75
N ALA A 17 -17.30 -12.11 -36.70
CA ALA A 17 -18.37 -11.13 -36.56
C ALA A 17 -18.03 -10.17 -35.42
N SER A 18 -18.93 -9.23 -35.09
CA SER A 18 -18.56 -8.17 -34.15
C SER A 18 -19.78 -7.63 -33.41
N ILE A 19 -19.55 -7.25 -32.15
CA ILE A 19 -20.56 -6.68 -31.28
C ILE A 19 -20.06 -5.33 -30.78
N PRO A 20 -20.90 -4.27 -30.82
CA PRO A 20 -20.49 -2.93 -30.42
C PRO A 20 -20.23 -2.95 -28.92
N CYS A 21 -18.95 -2.76 -28.54
CA CYS A 21 -18.58 -2.85 -27.14
C CYS A 21 -17.43 -1.92 -26.79
N PRO A 22 -17.70 -0.81 -26.09
CA PRO A 22 -16.65 0.05 -25.53
C PRO A 22 -15.72 -0.78 -24.64
N ARG A 23 -14.41 -0.61 -24.78
CA ARG A 23 -13.46 -1.27 -23.90
C ARG A 23 -13.74 -0.89 -22.44
N SER A 24 -14.37 0.28 -22.23
CA SER A 24 -14.71 0.73 -20.88
C SER A 24 -15.85 -0.09 -20.25
N GLU A 25 -16.65 -0.77 -21.08
CA GLU A 25 -17.70 -1.65 -20.57
C GLU A 25 -17.20 -3.08 -20.43
N LEU A 26 -16.03 -3.39 -21.02
CA LEU A 26 -15.52 -4.75 -21.01
C LEU A 26 -14.07 -4.81 -21.47
N ARG A 27 -13.18 -5.22 -20.57
CA ARG A 27 -11.82 -5.58 -20.92
C ARG A 27 -11.64 -7.09 -20.80
N LEU A 28 -11.53 -7.76 -21.95
CA LEU A 28 -11.40 -9.21 -22.01
C LEU A 28 -10.25 -9.64 -21.13
N ASP A 29 -9.14 -8.90 -21.19
CA ASP A 29 -7.92 -9.34 -20.53
C ASP A 29 -8.11 -9.35 -19.01
N LEU A 30 -9.10 -8.60 -18.49
CA LEU A 30 -9.35 -8.53 -17.05
C LEU A 30 -10.38 -9.57 -16.61
N VAL A 31 -11.25 -9.98 -17.54
CA VAL A 31 -12.43 -10.75 -17.21
C VAL A 31 -12.24 -12.23 -17.56
N LEU A 32 -11.36 -12.58 -18.50
CA LEU A 32 -11.31 -13.96 -18.95
C LEU A 32 -10.25 -14.77 -18.20
N ALA A 33 -9.27 -14.11 -17.58
CA ALA A 33 -8.23 -14.82 -16.84
C ALA A 33 -8.54 -14.85 -15.35
N SER A 34 -9.29 -13.85 -14.88
CA SER A 34 -9.26 -13.40 -13.49
C SER A 34 -9.79 -14.43 -12.50
N GLY A 35 -10.13 -15.66 -12.95
CA GLY A 35 -10.66 -16.67 -12.05
C GLY A 35 -12.15 -16.48 -11.74
N GLN A 36 -12.89 -15.98 -12.74
CA GLN A 36 -14.32 -16.23 -12.84
C GLN A 36 -14.53 -17.55 -13.56
N SER A 37 -14.12 -17.59 -14.83
CA SER A 37 -13.97 -18.82 -15.59
C SER A 37 -12.51 -19.26 -15.52
N PHE A 38 -12.28 -20.56 -15.69
CA PHE A 38 -10.94 -21.11 -15.80
C PHE A 38 -10.75 -21.87 -17.11
N ARG A 39 -11.43 -21.41 -18.17
CA ARG A 39 -11.51 -22.14 -19.43
C ARG A 39 -10.98 -21.32 -20.62
N TRP A 40 -10.73 -20.02 -20.43
CA TRP A 40 -10.23 -19.18 -21.51
C TRP A 40 -8.70 -19.08 -21.42
N LYS A 41 -8.02 -19.28 -22.55
CA LYS A 41 -6.58 -19.04 -22.63
C LYS A 41 -6.31 -18.03 -23.73
N GLU A 42 -5.22 -17.29 -23.56
CA GLU A 42 -4.73 -16.36 -24.58
C GLU A 42 -3.79 -17.13 -25.50
N GLN A 43 -4.34 -17.77 -26.53
CA GLN A 43 -3.57 -18.70 -27.35
C GLN A 43 -2.57 -17.93 -28.20
N SER A 44 -3.00 -16.79 -28.73
CA SER A 44 -2.12 -15.82 -29.34
C SER A 44 -2.40 -14.45 -28.73
N PRO A 45 -1.44 -13.50 -28.79
CA PRO A 45 -1.64 -12.18 -28.21
C PRO A 45 -2.99 -11.54 -28.52
N ALA A 46 -3.71 -11.15 -27.47
CA ALA A 46 -5.00 -10.45 -27.52
C ALA A 46 -6.10 -11.35 -28.08
N HIS A 47 -5.91 -12.68 -27.99
CA HIS A 47 -6.77 -13.64 -28.66
C HIS A 47 -7.16 -14.78 -27.72
N TRP A 48 -8.38 -14.68 -27.18
CA TRP A 48 -8.82 -15.51 -26.06
C TRP A 48 -9.70 -16.64 -26.60
N SER A 49 -9.28 -17.87 -26.33
CA SER A 49 -9.98 -19.04 -26.86
C SER A 49 -10.43 -19.94 -25.71
N GLY A 50 -11.70 -20.33 -25.72
CA GLY A 50 -12.22 -21.32 -24.78
C GLY A 50 -13.63 -21.77 -25.16
N VAL A 51 -14.17 -22.74 -24.40
CA VAL A 51 -15.44 -23.35 -24.78
C VAL A 51 -16.59 -22.69 -24.02
N LEU A 52 -17.68 -22.48 -24.73
CA LEU A 52 -18.90 -21.91 -24.20
C LEU A 52 -20.05 -22.72 -24.77
N ALA A 53 -20.74 -23.43 -23.87
CA ALA A 53 -21.92 -24.20 -24.24
C ALA A 53 -21.60 -25.17 -25.38
N ASP A 54 -20.56 -25.99 -25.21
CA ASP A 54 -20.24 -27.06 -26.17
C ASP A 54 -19.91 -26.50 -27.57
N GLN A 55 -19.34 -25.29 -27.63
CA GLN A 55 -18.75 -24.72 -28.85
C GLN A 55 -17.47 -24.01 -28.47
N VAL A 56 -16.45 -24.04 -29.32
CA VAL A 56 -15.24 -23.28 -29.02
C VAL A 56 -15.37 -21.88 -29.61
N TRP A 57 -14.74 -20.90 -28.97
CA TRP A 57 -14.68 -19.55 -29.52
C TRP A 57 -13.26 -19.00 -29.40
N THR A 58 -12.94 -18.10 -30.33
CA THR A 58 -11.86 -17.15 -30.07
C THR A 58 -12.47 -15.75 -30.08
N LEU A 59 -12.00 -14.91 -29.15
CA LEU A 59 -12.53 -13.56 -28.95
C LEU A 59 -11.37 -12.58 -28.93
N THR A 60 -11.65 -11.37 -29.42
CA THR A 60 -10.71 -10.27 -29.34
C THR A 60 -11.49 -8.97 -29.54
N GLN A 61 -10.86 -7.83 -29.23
CA GLN A 61 -11.60 -6.57 -29.22
C GLN A 61 -10.71 -5.39 -29.62
N THR A 62 -11.36 -4.27 -29.94
CA THR A 62 -10.72 -2.99 -30.17
C THR A 62 -11.14 -2.07 -29.03
N GLU A 63 -11.02 -0.75 -29.25
CA GLU A 63 -11.44 0.23 -28.26
C GLU A 63 -12.94 0.44 -28.31
N ASP A 64 -13.62 -0.12 -29.32
CA ASP A 64 -15.08 0.00 -29.34
C ASP A 64 -15.77 -1.16 -30.03
N GLN A 65 -15.03 -2.22 -30.35
CA GLN A 65 -15.66 -3.41 -30.92
C GLN A 65 -15.16 -4.67 -30.21
N LEU A 66 -16.06 -5.65 -30.08
CA LEU A 66 -15.75 -6.99 -29.62
C LEU A 66 -15.90 -7.97 -30.77
N TYR A 67 -14.77 -8.54 -31.22
CA TYR A 67 -14.76 -9.44 -32.37
C TYR A 67 -14.73 -10.88 -31.89
N CYS A 68 -15.42 -11.77 -32.61
CA CYS A 68 -15.54 -13.16 -32.21
C CYS A 68 -15.68 -14.11 -33.40
N THR A 69 -15.25 -15.36 -33.19
CA THR A 69 -15.32 -16.42 -34.17
C THR A 69 -15.58 -17.75 -33.44
N VAL A 70 -16.22 -18.68 -34.16
CA VAL A 70 -16.75 -19.93 -33.63
C VAL A 70 -16.14 -21.11 -34.37
N TYR A 71 -15.95 -22.22 -33.66
CA TYR A 71 -15.54 -23.49 -34.24
C TYR A 71 -16.56 -24.56 -33.80
N ARG A 72 -17.32 -25.12 -34.75
CA ARG A 72 -18.45 -25.98 -34.40
C ARG A 72 -18.04 -27.43 -34.09
N GLY A 73 -17.08 -28.00 -34.84
CA GLY A 73 -16.48 -29.27 -34.47
C GLY A 73 -16.43 -30.31 -35.60
N ASP A 74 -17.44 -31.18 -35.64
CA ASP A 74 -17.58 -32.19 -36.69
C ASP A 74 -17.93 -31.52 -38.01
N ASP A 75 -17.20 -31.92 -39.07
CA ASP A 75 -17.12 -31.20 -40.33
C ASP A 75 -18.46 -30.61 -40.76
N SER A 76 -18.85 -29.53 -40.04
CA SER A 76 -19.73 -28.49 -40.56
C SER A 76 -18.89 -27.64 -41.51
N GLN A 77 -19.45 -26.54 -42.02
CA GLN A 77 -18.68 -25.70 -42.93
C GLN A 77 -18.46 -24.33 -42.29
N VAL A 78 -17.18 -24.05 -42.00
CA VAL A 78 -16.74 -22.85 -41.31
C VAL A 78 -17.56 -21.65 -41.79
N SER A 79 -18.30 -21.02 -40.86
CA SER A 79 -18.94 -19.74 -41.14
C SER A 79 -18.70 -18.77 -39.99
N ARG A 80 -19.07 -17.50 -40.21
CA ARG A 80 -19.05 -16.50 -39.16
C ARG A 80 -20.17 -16.79 -38.15
N PRO A 81 -20.00 -16.35 -36.88
CA PRO A 81 -21.05 -16.44 -35.87
C PRO A 81 -22.42 -16.01 -36.36
N THR A 82 -23.45 -16.81 -36.04
CA THR A 82 -24.83 -16.52 -36.41
C THR A 82 -25.35 -15.40 -35.52
N LEU A 83 -26.64 -15.07 -35.64
CA LEU A 83 -27.26 -14.07 -34.79
C LEU A 83 -27.52 -14.64 -33.40
N GLU A 84 -28.02 -15.87 -33.36
CA GLU A 84 -28.35 -16.56 -32.11
C GLU A 84 -27.10 -16.75 -31.27
N GLU A 85 -26.04 -17.26 -31.94
CA GLU A 85 -24.72 -17.44 -31.37
C GLU A 85 -24.14 -16.13 -30.82
N LEU A 86 -24.54 -14.98 -31.37
CA LEU A 86 -24.06 -13.69 -30.91
C LEU A 86 -24.89 -13.21 -29.71
N GLU A 87 -26.13 -13.68 -29.56
CA GLU A 87 -26.92 -13.31 -28.38
C GLU A 87 -26.41 -14.06 -27.17
N THR A 88 -26.05 -15.34 -27.39
CA THR A 88 -25.38 -16.15 -26.40
C THR A 88 -24.23 -15.37 -25.76
N LEU A 89 -23.38 -14.80 -26.63
CA LEU A 89 -22.16 -14.15 -26.19
C LEU A 89 -22.50 -12.80 -25.54
N HIS A 90 -23.64 -12.21 -25.90
CA HIS A 90 -24.07 -10.95 -25.33
C HIS A 90 -24.52 -11.18 -23.89
N LYS A 91 -25.27 -12.26 -23.67
CA LYS A 91 -25.78 -12.56 -22.34
C LYS A 91 -24.64 -12.96 -21.39
N TYR A 92 -23.75 -13.83 -21.88
CA TYR A 92 -22.57 -14.25 -21.13
C TYR A 92 -21.82 -13.07 -20.54
N PHE A 93 -21.75 -11.95 -21.29
CA PHE A 93 -21.08 -10.75 -20.81
C PHE A 93 -22.06 -9.80 -20.13
N GLN A 94 -23.33 -10.20 -20.06
CA GLN A 94 -24.37 -9.40 -19.40
C GLN A 94 -24.24 -7.93 -19.82
N LEU A 95 -24.13 -7.71 -21.14
CA LEU A 95 -23.84 -6.39 -21.67
C LEU A 95 -25.03 -5.44 -21.52
N ASP A 96 -26.19 -5.97 -21.13
CA ASP A 96 -27.32 -5.13 -20.78
C ASP A 96 -26.94 -4.21 -19.62
N VAL A 97 -26.01 -4.65 -18.76
CA VAL A 97 -25.66 -3.90 -17.56
C VAL A 97 -24.65 -2.80 -17.88
N SER A 98 -24.97 -1.55 -17.52
CA SER A 98 -24.06 -0.44 -17.68
C SER A 98 -23.05 -0.37 -16.55
N LEU A 99 -21.81 -0.68 -16.89
CA LEU A 99 -20.68 -0.61 -15.98
C LEU A 99 -20.38 0.84 -15.61
N ALA A 100 -20.49 1.74 -16.61
CA ALA A 100 -20.19 3.15 -16.41
C ALA A 100 -21.07 3.72 -15.30
N GLN A 101 -22.35 3.34 -15.33
CA GLN A 101 -23.31 3.81 -14.35
C GLN A 101 -22.98 3.29 -12.95
N LEU A 102 -22.65 2.00 -12.86
CA LEU A 102 -22.32 1.38 -11.58
C LEU A 102 -21.02 1.94 -10.99
N TYR A 103 -19.99 2.08 -11.83
CA TYR A 103 -18.72 2.64 -11.38
C TYR A 103 -18.95 4.02 -10.74
N SER A 104 -19.79 4.84 -11.39
CA SER A 104 -20.03 6.20 -10.90
C SER A 104 -20.78 6.17 -9.58
N HIS A 105 -21.75 5.24 -9.46
CA HIS A 105 -22.52 5.06 -8.23
C HIS A 105 -21.61 4.60 -7.08
N TRP A 106 -20.76 3.61 -7.35
CA TRP A 106 -19.85 3.10 -6.34
C TRP A 106 -18.90 4.21 -5.91
N ALA A 107 -18.32 4.90 -6.90
CA ALA A 107 -17.36 5.95 -6.60
C ALA A 107 -18.00 7.02 -5.72
N SER A 108 -19.29 7.29 -5.92
CA SER A 108 -19.95 8.33 -5.16
C SER A 108 -19.99 8.00 -3.68
N VAL A 109 -19.92 6.71 -3.31
CA VAL A 109 -20.03 6.31 -1.90
C VAL A 109 -18.71 5.73 -1.38
N ASP A 110 -17.65 5.69 -2.19
CA ASP A 110 -16.45 4.97 -1.84
C ASP A 110 -15.24 5.53 -2.58
N SER A 111 -14.45 6.36 -1.87
CA SER A 111 -13.32 7.09 -2.43
C SER A 111 -12.17 6.15 -2.69
N HIS A 112 -12.12 5.03 -1.96
CA HIS A 112 -11.11 4.00 -2.19
C HIS A 112 -11.34 3.43 -3.59
N PHE A 113 -12.60 3.11 -3.88
CA PHE A 113 -13.03 2.59 -5.16
C PHE A 113 -12.69 3.56 -6.30
N GLN A 114 -12.83 4.87 -6.04
CA GLN A 114 -12.56 5.89 -7.03
C GLN A 114 -11.11 5.78 -7.48
N ARG A 115 -10.16 5.70 -6.53
CA ARG A 115 -8.74 5.66 -6.85
C ARG A 115 -8.44 4.41 -7.66
N VAL A 116 -8.87 3.26 -7.14
CA VAL A 116 -8.51 1.95 -7.67
C VAL A 116 -9.08 1.75 -9.07
N ALA A 117 -10.38 2.06 -9.23
CA ALA A 117 -11.15 1.69 -10.40
C ALA A 117 -10.72 2.39 -11.68
N GLN A 118 -9.88 3.44 -11.61
CA GLN A 118 -9.49 4.18 -12.79
C GLN A 118 -8.61 3.32 -13.70
N LYS A 119 -7.81 2.44 -13.09
CA LYS A 119 -6.86 1.63 -13.83
C LYS A 119 -7.49 0.28 -14.19
N PHE A 120 -8.70 0.00 -13.69
CA PHE A 120 -9.34 -1.29 -13.88
C PHE A 120 -10.77 -1.09 -14.41
N GLN A 121 -10.88 -0.50 -15.60
CA GLN A 121 -12.18 -0.31 -16.21
C GLN A 121 -12.57 -1.61 -16.89
N GLY A 122 -13.87 -1.74 -17.18
CA GLY A 122 -14.34 -2.86 -17.99
C GLY A 122 -14.29 -4.19 -17.23
N VAL A 123 -14.34 -4.16 -15.90
CA VAL A 123 -14.44 -5.38 -15.13
C VAL A 123 -15.90 -5.64 -14.83
N ARG A 124 -16.42 -6.74 -15.40
CA ARG A 124 -17.80 -7.14 -15.18
C ARG A 124 -17.82 -8.64 -14.88
N LEU A 125 -19.01 -9.11 -14.47
CA LEU A 125 -19.17 -10.52 -14.17
C LEU A 125 -19.67 -11.25 -15.42
N LEU A 126 -19.05 -12.39 -15.70
CA LEU A 126 -19.61 -13.35 -16.62
C LEU A 126 -20.87 -13.94 -16.02
N ARG A 127 -21.78 -14.36 -16.89
CA ARG A 127 -22.92 -15.15 -16.51
C ARG A 127 -22.59 -16.58 -16.92
N GLN A 128 -22.22 -17.42 -15.94
CA GLN A 128 -21.70 -18.75 -16.24
C GLN A 128 -22.81 -19.77 -16.11
N ASP A 129 -22.57 -20.95 -16.71
CA ASP A 129 -23.43 -22.11 -16.54
C ASP A 129 -23.26 -22.62 -15.11
N PRO A 130 -24.35 -22.68 -14.32
CA PRO A 130 -24.29 -23.14 -12.95
C PRO A 130 -23.54 -24.44 -12.73
N THR A 131 -23.72 -25.42 -13.58
CA THR A 131 -23.01 -26.66 -13.38
C THR A 131 -21.51 -26.38 -13.37
N GLU A 132 -21.04 -25.79 -14.47
CA GLU A 132 -19.61 -25.60 -14.67
C GLU A 132 -19.04 -24.74 -13.54
N CYS A 133 -19.82 -23.76 -13.11
CA CYS A 133 -19.38 -22.84 -12.08
C CYS A 133 -19.20 -23.60 -10.79
N LEU A 134 -20.19 -24.42 -10.45
CA LEU A 134 -20.25 -25.11 -9.18
C LEU A 134 -19.03 -26.02 -9.02
N PHE A 135 -18.81 -26.88 -10.00
CA PHE A 135 -17.73 -27.84 -9.92
C PHE A 135 -16.38 -27.14 -10.08
N SER A 136 -16.35 -26.01 -10.79
CA SER A 136 -15.11 -25.27 -10.88
C SER A 136 -14.73 -24.73 -9.50
N PHE A 137 -15.72 -24.24 -8.74
CA PHE A 137 -15.44 -23.60 -7.47
C PHE A 137 -15.35 -24.63 -6.35
N ILE A 138 -15.84 -25.85 -6.59
CA ILE A 138 -15.58 -26.94 -5.69
C ILE A 138 -14.10 -27.28 -5.77
N CYS A 139 -13.52 -27.12 -6.97
CA CYS A 139 -12.09 -27.29 -7.13
C CYS A 139 -11.32 -26.10 -6.57
N SER A 140 -11.99 -25.06 -6.04
CA SER A 140 -11.32 -23.81 -5.77
C SER A 140 -10.64 -23.82 -4.40
N SER A 141 -11.15 -24.65 -3.48
CA SER A 141 -10.62 -24.71 -2.13
C SER A 141 -9.10 -24.95 -2.17
N ASN A 142 -8.39 -24.18 -1.34
CA ASN A 142 -6.95 -24.36 -1.10
C ASN A 142 -6.21 -24.53 -2.41
N ASN A 143 -6.41 -23.58 -3.32
CA ASN A 143 -5.72 -23.59 -4.59
C ASN A 143 -5.37 -22.16 -4.99
N ASN A 144 -4.54 -22.07 -6.03
CA ASN A 144 -4.39 -20.86 -6.82
C ASN A 144 -5.08 -21.10 -8.16
N ILE A 145 -5.13 -20.06 -8.99
CA ILE A 145 -5.87 -20.09 -10.24
C ILE A 145 -5.27 -21.11 -11.20
N ALA A 146 -3.95 -21.23 -11.21
CA ALA A 146 -3.24 -22.05 -12.19
C ALA A 146 -3.55 -23.53 -11.98
N ARG A 147 -3.51 -23.99 -10.73
CA ARG A 147 -3.80 -25.38 -10.39
C ARG A 147 -5.25 -25.72 -10.74
N ILE A 148 -6.17 -24.75 -10.60
CA ILE A 148 -7.59 -24.96 -10.83
C ILE A 148 -7.83 -25.08 -12.33
N THR A 149 -7.18 -24.19 -13.07
CA THR A 149 -7.27 -24.18 -14.52
C THR A 149 -6.94 -25.58 -15.05
N GLY A 150 -5.87 -26.17 -14.50
CA GLY A 150 -5.42 -27.49 -14.89
C GLY A 150 -6.43 -28.56 -14.51
N MET A 151 -6.85 -28.54 -13.24
CA MET A 151 -7.82 -29.50 -12.72
C MET A 151 -9.08 -29.52 -13.56
N VAL A 152 -9.60 -28.34 -13.93
CA VAL A 152 -10.84 -28.26 -14.71
C VAL A 152 -10.62 -28.83 -16.11
N GLU A 153 -9.46 -28.51 -16.69
CA GLU A 153 -9.19 -28.96 -18.06
C GLU A 153 -9.14 -30.47 -18.09
N ARG A 154 -8.33 -31.06 -17.20
CA ARG A 154 -8.14 -32.49 -17.12
C ARG A 154 -9.47 -33.18 -16.82
N LEU A 155 -10.31 -32.53 -15.98
CA LEU A 155 -11.63 -33.05 -15.68
C LEU A 155 -12.45 -33.13 -16.95
N CYS A 156 -12.36 -32.09 -17.78
CA CYS A 156 -13.19 -31.99 -18.97
C CYS A 156 -12.69 -32.97 -20.05
N GLN A 157 -11.36 -33.08 -20.22
CA GLN A 157 -10.79 -34.00 -21.20
C GLN A 157 -11.16 -35.45 -20.87
N ALA A 158 -11.24 -35.75 -19.57
CA ALA A 158 -11.45 -37.12 -19.13
C ALA A 158 -12.93 -37.45 -19.01
N PHE A 159 -13.81 -36.46 -18.79
CA PHE A 159 -15.21 -36.79 -18.56
C PHE A 159 -16.15 -36.14 -19.55
N GLY A 160 -15.63 -35.22 -20.36
CA GLY A 160 -16.48 -34.32 -21.14
C GLY A 160 -16.40 -34.62 -22.63
N PRO A 161 -17.47 -34.35 -23.41
CA PRO A 161 -17.46 -34.58 -24.85
C PRO A 161 -16.27 -33.87 -25.51
N ARG A 162 -15.61 -34.58 -26.43
CA ARG A 162 -14.66 -33.97 -27.32
C ARG A 162 -15.42 -33.13 -28.34
N LEU A 163 -14.90 -31.94 -28.64
CA LEU A 163 -15.55 -31.00 -29.56
C LEU A 163 -14.72 -30.84 -30.83
N ILE A 164 -13.44 -30.46 -30.66
CA ILE A 164 -12.56 -30.13 -31.76
C ILE A 164 -11.12 -29.99 -31.22
N GLN A 165 -10.16 -30.07 -32.14
CA GLN A 165 -8.76 -29.85 -31.82
C GLN A 165 -8.22 -28.73 -32.70
N LEU A 166 -7.61 -27.73 -32.05
CA LEU A 166 -6.92 -26.65 -32.74
C LEU A 166 -5.47 -26.66 -32.28
N ASP A 167 -4.53 -26.70 -33.23
CA ASP A 167 -3.13 -26.79 -32.87
C ASP A 167 -2.97 -28.01 -31.97
N ASP A 168 -2.32 -27.85 -30.81
CA ASP A 168 -2.07 -28.97 -29.92
C ASP A 168 -3.13 -29.02 -28.81
N VAL A 169 -4.19 -28.21 -28.93
CA VAL A 169 -5.19 -28.11 -27.87
C VAL A 169 -6.45 -28.87 -28.27
N THR A 170 -6.83 -29.84 -27.43
CA THR A 170 -8.06 -30.59 -27.62
C THR A 170 -9.14 -30.05 -26.68
N TYR A 171 -10.21 -29.47 -27.25
CA TYR A 171 -11.24 -28.80 -26.48
C TYR A 171 -12.40 -29.73 -26.20
N HIS A 172 -12.65 -30.01 -24.91
CA HIS A 172 -13.82 -30.76 -24.48
C HIS A 172 -14.83 -29.85 -23.80
N GLY A 173 -16.12 -30.20 -23.94
CA GLY A 173 -17.21 -29.55 -23.22
C GLY A 173 -17.25 -30.00 -21.76
N PHE A 174 -17.99 -29.27 -20.92
CA PHE A 174 -18.06 -29.60 -19.51
C PHE A 174 -18.96 -30.82 -19.34
N PRO A 175 -18.62 -31.78 -18.46
CA PRO A 175 -19.46 -32.96 -18.23
C PRO A 175 -20.89 -32.65 -17.75
N ASN A 176 -21.76 -33.65 -17.89
CA ASN A 176 -23.06 -33.63 -17.24
C ASN A 176 -22.91 -34.35 -15.92
N LEU A 177 -23.92 -34.17 -15.06
CA LEU A 177 -23.86 -34.68 -13.70
C LEU A 177 -23.69 -36.20 -13.69
N HIS A 178 -24.36 -36.91 -14.61
CA HIS A 178 -24.26 -38.36 -14.66
C HIS A 178 -22.80 -38.77 -14.81
N ALA A 179 -22.07 -38.07 -15.69
CA ALA A 179 -20.68 -38.44 -15.96
C ALA A 179 -19.83 -38.31 -14.69
N LEU A 180 -20.19 -37.35 -13.83
CA LEU A 180 -19.38 -37.05 -12.66
C LEU A 180 -19.77 -37.91 -11.46
N ALA A 181 -21.02 -38.41 -11.46
CA ALA A 181 -21.57 -39.18 -10.35
C ALA A 181 -21.31 -40.69 -10.48
N GLY A 182 -20.53 -41.12 -11.47
CA GLY A 182 -20.29 -42.53 -11.71
C GLY A 182 -19.41 -43.16 -10.64
N PRO A 183 -19.43 -44.51 -10.48
CA PRO A 183 -18.67 -45.18 -9.43
C PRO A 183 -17.16 -44.96 -9.49
N GLU A 184 -16.60 -45.00 -10.71
CA GLU A 184 -15.16 -44.95 -10.86
C GLU A 184 -14.69 -43.49 -10.86
N ALA A 185 -15.60 -42.55 -10.64
CA ALA A 185 -15.33 -41.14 -10.89
C ALA A 185 -14.24 -40.62 -9.96
N GLU A 186 -14.49 -40.73 -8.65
CA GLU A 186 -13.56 -40.20 -7.68
C GLU A 186 -12.17 -40.79 -7.94
N THR A 187 -12.12 -42.11 -8.12
CA THR A 187 -10.85 -42.80 -8.32
C THR A 187 -10.08 -42.14 -9.45
N HIS A 188 -10.78 -41.85 -10.56
CA HIS A 188 -10.20 -41.25 -11.75
C HIS A 188 -9.76 -39.83 -11.41
N LEU A 189 -10.71 -39.04 -10.88
CA LEU A 189 -10.46 -37.65 -10.53
C LEU A 189 -9.24 -37.55 -9.62
N ARG A 190 -9.08 -38.47 -8.67
CA ARG A 190 -7.92 -38.47 -7.77
C ARG A 190 -6.63 -38.67 -8.56
N LYS A 191 -6.71 -39.51 -9.60
CA LYS A 191 -5.58 -39.78 -10.47
C LYS A 191 -5.26 -38.54 -11.32
N LEU A 192 -6.22 -37.60 -11.43
CA LEU A 192 -6.04 -36.38 -12.21
C LEU A 192 -5.54 -35.21 -11.34
N GLY A 193 -5.28 -35.48 -10.06
CA GLY A 193 -4.58 -34.57 -9.17
C GLY A 193 -5.52 -33.73 -8.30
N LEU A 194 -6.81 -34.07 -8.28
CA LEU A 194 -7.82 -33.25 -7.61
C LEU A 194 -7.79 -33.47 -6.10
N GLY A 195 -7.04 -34.47 -5.63
CA GLY A 195 -6.94 -34.68 -4.19
C GLY A 195 -8.31 -34.84 -3.57
N TYR A 196 -8.48 -34.33 -2.35
CA TYR A 196 -9.70 -34.47 -1.56
C TYR A 196 -10.93 -34.02 -2.37
N ARG A 197 -10.74 -33.02 -3.24
CA ARG A 197 -11.85 -32.37 -3.93
C ARG A 197 -12.64 -33.38 -4.74
N ALA A 198 -11.95 -34.42 -5.23
CA ALA A 198 -12.56 -35.48 -6.01
C ALA A 198 -13.81 -36.04 -5.30
N ARG A 199 -13.78 -36.18 -3.97
CA ARG A 199 -14.95 -36.67 -3.26
C ARG A 199 -16.10 -35.68 -3.44
N TYR A 200 -15.82 -34.39 -3.29
CA TYR A 200 -16.87 -33.38 -3.27
C TYR A 200 -17.50 -33.27 -4.66
N VAL A 201 -16.70 -33.40 -5.71
CA VAL A 201 -17.20 -33.35 -7.07
C VAL A 201 -18.20 -34.49 -7.28
N ARG A 202 -17.77 -35.73 -6.99
CA ARG A 202 -18.60 -36.90 -7.23
C ARG A 202 -19.85 -36.84 -6.35
N ALA A 203 -19.65 -36.47 -5.09
CA ALA A 203 -20.71 -36.47 -4.10
C ALA A 203 -21.75 -35.42 -4.44
N SER A 204 -21.31 -34.22 -4.80
CA SER A 204 -22.21 -33.14 -5.16
C SER A 204 -22.97 -33.48 -6.44
N ALA A 205 -22.28 -34.10 -7.40
CA ALA A 205 -22.94 -34.54 -8.61
C ALA A 205 -24.06 -35.52 -8.24
N LYS A 206 -23.72 -36.51 -7.43
CA LYS A 206 -24.66 -37.56 -7.04
C LYS A 206 -25.81 -36.93 -6.22
N ALA A 207 -25.51 -35.91 -5.44
CA ALA A 207 -26.52 -35.29 -4.59
C ALA A 207 -27.47 -34.46 -5.45
N ILE A 208 -26.97 -33.80 -6.49
CA ILE A 208 -27.82 -32.89 -7.23
C ILE A 208 -28.83 -33.71 -8.02
N LEU A 209 -28.39 -34.82 -8.61
CA LEU A 209 -29.28 -35.81 -9.18
C LEU A 209 -30.38 -36.21 -8.18
N GLU A 210 -29.98 -36.99 -7.17
CA GLU A 210 -30.90 -37.80 -6.38
C GLU A 210 -31.70 -36.91 -5.42
N GLU A 211 -31.01 -36.14 -4.60
CA GLU A 211 -31.65 -35.32 -3.58
C GLU A 211 -32.33 -34.09 -4.17
N GLN A 212 -31.97 -33.67 -5.39
CA GLN A 212 -32.43 -32.36 -5.81
C GLN A 212 -33.17 -32.40 -7.13
N GLY A 213 -33.04 -33.52 -7.86
CA GLY A 213 -33.83 -33.73 -9.07
C GLY A 213 -33.23 -33.04 -10.28
N GLY A 214 -31.94 -33.34 -10.50
CA GLY A 214 -31.22 -33.02 -11.73
C GLY A 214 -30.74 -31.57 -11.79
N PRO A 215 -30.16 -31.16 -12.95
CA PRO A 215 -29.60 -29.83 -13.12
C PRO A 215 -30.67 -28.75 -13.26
N ALA A 216 -31.94 -29.15 -13.32
CA ALA A 216 -33.03 -28.19 -13.30
C ALA A 216 -33.05 -27.45 -11.97
N TRP A 217 -32.52 -28.10 -10.91
CA TRP A 217 -32.55 -27.53 -9.58
C TRP A 217 -31.75 -26.22 -9.55
N LEU A 218 -30.63 -26.20 -10.28
CA LEU A 218 -29.74 -25.05 -10.31
C LEU A 218 -30.45 -23.90 -11.02
N GLN A 219 -31.15 -24.18 -12.11
CA GLN A 219 -31.96 -23.16 -12.77
C GLN A 219 -32.97 -22.57 -11.78
N GLN A 220 -33.56 -23.43 -10.93
CA GLN A 220 -34.50 -22.92 -9.94
C GLN A 220 -33.82 -21.87 -9.06
N LEU A 221 -32.57 -22.15 -8.63
CA LEU A 221 -31.86 -21.27 -7.71
C LEU A 221 -31.60 -19.93 -8.39
N ARG A 222 -31.44 -19.96 -9.72
CA ARG A 222 -31.20 -18.75 -10.50
C ARG A 222 -32.37 -17.80 -10.40
N VAL A 223 -33.58 -18.32 -10.15
CA VAL A 223 -34.76 -17.48 -10.06
C VAL A 223 -35.12 -17.27 -8.59
N ALA A 224 -34.76 -18.26 -7.76
CA ALA A 224 -34.93 -18.17 -6.32
C ALA A 224 -34.23 -16.93 -5.78
N PRO A 225 -34.68 -16.36 -4.65
CA PRO A 225 -34.00 -15.20 -4.07
C PRO A 225 -32.65 -15.61 -3.47
N TYR A 226 -31.74 -14.63 -3.39
CA TYR A 226 -30.34 -14.82 -3.01
C TYR A 226 -30.20 -15.77 -1.83
N GLU A 227 -30.88 -15.44 -0.73
CA GLU A 227 -30.61 -16.06 0.56
C GLU A 227 -30.96 -17.54 0.50
N GLU A 228 -32.01 -17.88 -0.25
CA GLU A 228 -32.51 -19.24 -0.40
C GLU A 228 -31.54 -20.06 -1.25
N ALA A 229 -30.98 -19.39 -2.26
CA ALA A 229 -30.03 -20.01 -3.17
C ALA A 229 -28.74 -20.36 -2.44
N HIS A 230 -28.29 -19.44 -1.58
CA HIS A 230 -27.09 -19.62 -0.79
C HIS A 230 -27.24 -20.79 0.16
N LYS A 231 -28.32 -20.74 0.97
CA LYS A 231 -28.70 -21.80 1.89
C LYS A 231 -28.71 -23.13 1.16
N ALA A 232 -29.36 -23.16 0.00
CA ALA A 232 -29.50 -24.39 -0.75
C ALA A 232 -28.14 -24.95 -1.18
N LEU A 233 -27.27 -24.05 -1.66
CA LEU A 233 -25.97 -24.46 -2.18
C LEU A 233 -25.08 -25.03 -1.07
N CYS A 234 -25.24 -24.50 0.16
CA CYS A 234 -24.38 -24.87 1.27
C CYS A 234 -24.69 -26.29 1.76
N THR A 235 -25.83 -26.85 1.34
CA THR A 235 -26.10 -28.25 1.61
C THR A 235 -25.17 -29.15 0.80
N LEU A 236 -24.51 -28.65 -0.23
CA LEU A 236 -23.75 -29.57 -1.08
C LEU A 236 -22.41 -29.89 -0.41
N PRO A 237 -21.90 -31.11 -0.61
CA PRO A 237 -20.53 -31.45 -0.25
C PRO A 237 -19.46 -30.54 -0.84
N GLY A 238 -18.61 -29.97 0.02
CA GLY A 238 -17.53 -29.08 -0.37
C GLY A 238 -17.97 -27.64 -0.65
N VAL A 239 -19.24 -27.31 -0.44
CA VAL A 239 -19.74 -25.99 -0.74
C VAL A 239 -20.08 -25.29 0.57
N GLY A 240 -19.26 -24.32 0.95
CA GLY A 240 -19.53 -23.47 2.11
C GLY A 240 -19.94 -22.08 1.66
N ALA A 241 -20.03 -21.15 2.62
CA ALA A 241 -20.48 -19.79 2.35
C ALA A 241 -19.72 -19.13 1.21
N LYS A 242 -18.39 -19.24 1.20
CA LYS A 242 -17.59 -18.53 0.22
C LYS A 242 -17.94 -19.02 -1.19
N VAL A 243 -17.83 -20.33 -1.38
CA VAL A 243 -18.09 -20.92 -2.69
C VAL A 243 -19.55 -20.66 -3.12
N ALA A 244 -20.48 -20.70 -2.16
CA ALA A 244 -21.87 -20.48 -2.47
C ALA A 244 -22.04 -19.07 -2.99
N ASP A 245 -21.32 -18.12 -2.38
CA ASP A 245 -21.45 -16.73 -2.79
C ASP A 245 -20.79 -16.56 -4.15
N CYS A 246 -19.73 -17.30 -4.43
CA CYS A 246 -19.12 -17.21 -5.74
C CYS A 246 -20.16 -17.60 -6.78
N ILE A 247 -20.74 -18.78 -6.58
CA ILE A 247 -21.71 -19.34 -7.51
C ILE A 247 -22.91 -18.41 -7.66
N CYS A 248 -23.39 -17.88 -6.52
CA CYS A 248 -24.53 -16.98 -6.53
C CYS A 248 -24.22 -15.82 -7.46
N LEU A 249 -23.03 -15.23 -7.29
CA LEU A 249 -22.68 -14.02 -8.01
C LEU A 249 -22.42 -14.29 -9.50
N MET A 250 -21.93 -15.47 -9.84
CA MET A 250 -21.29 -15.70 -11.13
C MET A 250 -22.16 -16.57 -12.04
N ALA A 251 -23.24 -17.15 -11.51
CA ALA A 251 -24.06 -18.05 -12.32
C ALA A 251 -25.54 -18.04 -11.94
N LEU A 252 -25.94 -17.38 -10.84
CA LEU A 252 -27.34 -17.38 -10.43
C LEU A 252 -27.89 -15.96 -10.34
N ASP A 253 -27.23 -15.01 -11.02
CA ASP A 253 -27.80 -13.67 -11.14
C ASP A 253 -28.10 -13.08 -9.76
N LYS A 254 -27.20 -13.26 -8.78
CA LYS A 254 -27.31 -12.56 -7.51
C LYS A 254 -26.17 -11.54 -7.41
N PRO A 255 -26.29 -10.35 -8.01
CA PRO A 255 -25.16 -9.40 -8.06
C PRO A 255 -24.74 -8.84 -6.71
N GLN A 256 -25.56 -9.09 -5.68
CA GLN A 256 -25.30 -8.55 -4.36
C GLN A 256 -24.47 -9.56 -3.54
N ALA A 257 -24.26 -10.77 -4.11
CA ALA A 257 -23.46 -11.77 -3.42
C ALA A 257 -22.04 -11.25 -3.32
N VAL A 258 -21.48 -11.29 -2.11
CA VAL A 258 -20.14 -10.83 -1.81
C VAL A 258 -19.37 -11.99 -1.17
N PRO A 259 -18.53 -12.72 -1.91
CA PRO A 259 -17.77 -13.82 -1.32
C PRO A 259 -16.70 -13.30 -0.38
N VAL A 260 -16.67 -13.83 0.82
CA VAL A 260 -15.72 -13.42 1.84
C VAL A 260 -14.81 -14.59 2.20
N ASP A 261 -13.51 -14.32 2.06
CA ASP A 261 -12.44 -15.18 2.51
C ASP A 261 -11.42 -14.28 3.19
N VAL A 262 -10.20 -14.77 3.35
CA VAL A 262 -9.24 -14.05 4.15
C VAL A 262 -8.63 -12.90 3.33
N HIS A 263 -8.64 -13.01 2.03
CA HIS A 263 -8.19 -11.92 1.18
C HIS A 263 -9.10 -10.71 1.37
N VAL A 264 -10.42 -10.91 1.49
CA VAL A 264 -11.32 -9.76 1.55
C VAL A 264 -11.30 -9.19 2.96
N TRP A 265 -11.17 -10.06 3.97
CA TRP A 265 -10.86 -9.60 5.32
C TRP A 265 -9.73 -8.59 5.32
N GLN A 266 -8.64 -8.96 4.64
CA GLN A 266 -7.42 -8.18 4.62
C GLN A 266 -7.67 -6.84 3.94
N ILE A 267 -8.33 -6.84 2.77
CA ILE A 267 -8.68 -5.61 2.10
C ILE A 267 -9.56 -4.74 3.00
N ALA A 268 -10.66 -5.31 3.50
CA ALA A 268 -11.59 -4.57 4.32
C ALA A 268 -10.89 -3.92 5.50
N HIS A 269 -9.96 -4.61 6.14
CA HIS A 269 -9.33 -4.09 7.34
C HIS A 269 -8.34 -3.00 6.95
N ARG A 270 -7.41 -3.34 6.05
CA ARG A 270 -6.33 -2.45 5.64
C ARG A 270 -6.89 -1.21 4.95
N ASP A 271 -7.81 -1.42 4.03
CA ASP A 271 -8.19 -0.38 3.09
C ASP A 271 -9.44 0.35 3.57
N TYR A 272 -10.31 -0.29 4.34
CA TYR A 272 -11.56 0.31 4.78
C TYR A 272 -11.59 0.51 6.29
N GLY A 273 -10.60 -0.01 7.01
CA GLY A 273 -10.56 0.14 8.46
C GLY A 273 -11.64 -0.67 9.18
N TRP A 274 -12.12 -1.75 8.56
CA TRP A 274 -13.17 -2.58 9.09
C TRP A 274 -12.64 -3.55 10.15
N HIS A 275 -13.31 -3.55 11.29
CA HIS A 275 -13.14 -4.58 12.30
C HIS A 275 -14.51 -5.16 12.57
N PRO A 276 -14.64 -6.45 12.94
CA PRO A 276 -15.97 -7.01 13.23
C PRO A 276 -16.48 -6.39 14.51
N LYS A 277 -17.74 -5.93 14.50
CA LYS A 277 -18.22 -5.15 15.62
C LYS A 277 -19.10 -6.07 16.46
N THR A 278 -20.21 -6.50 15.86
CA THR A 278 -21.24 -7.29 16.54
C THR A 278 -20.73 -8.72 16.78
N SER A 279 -19.54 -9.04 16.24
CA SER A 279 -18.79 -10.21 16.63
C SER A 279 -17.76 -9.83 17.72
N GLN A 280 -17.47 -10.80 18.60
CA GLN A 280 -16.51 -10.63 19.69
C GLN A 280 -15.09 -10.81 19.16
N ALA A 281 -14.81 -12.01 18.62
CA ALA A 281 -13.46 -12.44 18.28
C ALA A 281 -12.95 -11.62 17.08
N LYS A 282 -11.62 -11.44 17.03
CA LYS A 282 -11.01 -10.38 16.24
C LYS A 282 -10.62 -10.87 14.85
N GLY A 283 -10.89 -12.16 14.53
CA GLY A 283 -10.48 -12.77 13.27
C GLY A 283 -11.59 -13.55 12.60
N PRO A 284 -11.37 -14.11 11.39
CA PRO A 284 -12.47 -14.72 10.62
C PRO A 284 -13.28 -15.74 11.42
N SER A 285 -14.57 -15.78 11.08
CA SER A 285 -15.53 -16.71 11.66
C SER A 285 -16.75 -16.68 10.77
N PRO A 286 -17.54 -17.76 10.67
CA PRO A 286 -18.74 -17.73 9.84
C PRO A 286 -19.56 -16.45 10.02
N LEU A 287 -19.75 -16.03 11.27
CA LEU A 287 -20.58 -14.87 11.58
C LEU A 287 -19.91 -13.56 11.17
N ALA A 288 -18.60 -13.43 11.42
CA ALA A 288 -17.89 -12.19 11.11
C ALA A 288 -17.78 -12.01 9.60
N ASN A 289 -17.58 -13.12 8.89
CA ASN A 289 -17.58 -13.13 7.44
C ASN A 289 -18.92 -12.65 6.91
N LYS A 290 -20.00 -13.19 7.47
CA LYS A 290 -21.35 -12.82 7.07
C LYS A 290 -21.56 -11.33 7.29
N GLU A 291 -21.03 -10.82 8.40
CA GLU A 291 -21.14 -9.41 8.74
C GLU A 291 -20.40 -8.61 7.70
N LEU A 292 -19.22 -9.08 7.28
CA LEU A 292 -18.41 -8.31 6.36
C LEU A 292 -19.11 -8.21 5.01
N GLY A 293 -19.80 -9.29 4.61
CA GLY A 293 -20.58 -9.28 3.39
C GLY A 293 -21.67 -8.21 3.42
N ASN A 294 -22.38 -8.12 4.56
CA ASN A 294 -23.40 -7.13 4.77
C ASN A 294 -22.79 -5.74 4.78
N PHE A 295 -21.60 -5.61 5.36
CA PHE A 295 -20.91 -4.33 5.34
C PHE A 295 -20.84 -3.81 3.91
N PHE A 296 -20.34 -4.64 2.99
CA PHE A 296 -20.10 -4.24 1.62
C PHE A 296 -21.42 -4.03 0.90
N ARG A 297 -22.42 -4.85 1.19
CA ARG A 297 -23.73 -4.66 0.55
C ARG A 297 -24.30 -3.29 0.93
N ASN A 298 -24.16 -2.93 2.22
CA ASN A 298 -24.68 -1.68 2.72
C ASN A 298 -23.92 -0.50 2.13
N LEU A 299 -22.64 -0.69 1.77
CA LEU A 299 -21.84 0.39 1.24
C LEU A 299 -22.05 0.58 -0.25
N TRP A 300 -22.05 -0.52 -1.03
CA TRP A 300 -22.03 -0.43 -2.48
C TRP A 300 -23.41 -0.64 -3.08
N GLY A 301 -24.33 -1.21 -2.29
CA GLY A 301 -25.68 -1.41 -2.77
C GLY A 301 -25.85 -2.79 -3.39
N PRO A 302 -26.81 -2.98 -4.29
CA PRO A 302 -27.23 -4.31 -4.71
C PRO A 302 -26.46 -4.91 -5.89
N TYR A 303 -25.37 -4.23 -6.29
CA TYR A 303 -24.35 -4.83 -7.15
C TYR A 303 -23.00 -4.92 -6.42
N ALA A 304 -23.04 -5.16 -5.10
CA ALA A 304 -21.85 -5.14 -4.27
C ALA A 304 -20.82 -6.15 -4.81
N GLY A 305 -21.28 -7.31 -5.27
CA GLY A 305 -20.38 -8.32 -5.80
C GLY A 305 -19.59 -7.81 -7.00
N TRP A 306 -20.25 -7.05 -7.87
CA TRP A 306 -19.61 -6.49 -9.06
C TRP A 306 -18.58 -5.46 -8.65
N ALA A 307 -18.90 -4.65 -7.63
CA ALA A 307 -17.92 -3.71 -7.11
C ALA A 307 -16.69 -4.45 -6.61
N GLN A 308 -16.93 -5.46 -5.78
CA GLN A 308 -15.87 -6.30 -5.25
C GLN A 308 -14.97 -6.83 -6.37
N ALA A 309 -15.56 -7.26 -7.48
CA ALA A 309 -14.84 -7.85 -8.59
C ALA A 309 -13.80 -6.88 -9.15
N VAL A 310 -14.05 -5.58 -9.02
CA VAL A 310 -13.10 -4.61 -9.53
C VAL A 310 -11.87 -4.61 -8.63
N LEU A 311 -12.09 -4.70 -7.30
CA LEU A 311 -11.00 -4.69 -6.33
C LEU A 311 -10.16 -5.96 -6.41
N PHE A 312 -10.84 -7.10 -6.51
CA PHE A 312 -10.24 -8.40 -6.73
C PHE A 312 -9.32 -8.34 -7.94
N SER A 313 -9.79 -7.73 -9.02
CA SER A 313 -9.03 -7.64 -10.25
C SER A 313 -7.86 -6.66 -10.09
N ALA A 314 -7.87 -5.86 -9.03
CA ALA A 314 -6.73 -5.00 -8.69
C ALA A 314 -5.81 -5.68 -7.69
N ASP A 315 -6.24 -6.81 -7.14
CA ASP A 315 -5.51 -7.55 -6.13
C ASP A 315 -4.69 -8.68 -6.77
N LEU A 316 -4.92 -8.91 -8.08
CA LEU A 316 -4.11 -9.85 -8.85
C LEU A 316 -3.16 -9.11 -9.80
N ARG A 317 -3.27 -7.77 -9.87
CA ARG A 317 -2.35 -6.96 -10.65
C ARG A 317 -1.56 -6.06 -9.69
N GLN A 318 -0.84 -6.70 -8.76
CA GLN A 318 -0.01 -6.05 -7.75
C GLN A 318 -0.88 -5.10 -6.93
N HIS B 3 -10.29 41.56 -25.21
CA HIS B 3 -9.69 40.32 -24.62
C HIS B 3 -8.18 40.45 -24.72
N MET B 4 -7.52 40.26 -23.59
CA MET B 4 -6.07 40.20 -23.48
C MET B 4 -5.75 38.71 -23.35
N ARG B 5 -4.47 38.30 -23.43
CA ARG B 5 -4.17 36.88 -23.38
C ARG B 5 -3.50 36.51 -22.06
N HIS B 6 -3.74 35.26 -21.65
CA HIS B 6 -2.99 34.60 -20.59
C HIS B 6 -1.51 34.60 -20.96
N ARG B 7 -0.69 35.12 -20.04
CA ARG B 7 0.73 35.28 -20.27
C ARG B 7 1.45 33.95 -20.03
N THR B 8 2.44 33.65 -20.90
CA THR B 8 3.53 32.75 -20.56
C THR B 8 4.78 33.58 -20.28
N LEU B 9 5.90 32.91 -20.01
CA LEU B 9 7.12 33.62 -19.62
C LEU B 9 7.88 34.01 -20.89
N SER B 10 7.69 33.21 -21.94
CA SER B 10 8.02 33.60 -23.31
C SER B 10 7.23 34.85 -23.71
N SER B 11 5.89 34.72 -23.73
CA SER B 11 4.96 35.73 -24.24
C SER B 11 5.39 37.15 -23.91
N SER B 12 5.78 37.42 -22.66
CA SER B 12 5.78 38.79 -22.18
C SER B 12 6.76 38.98 -21.03
N PRO B 13 8.06 38.65 -21.21
CA PRO B 13 9.01 38.59 -20.09
C PRO B 13 9.24 39.93 -19.39
N ALA B 14 8.78 41.01 -20.03
CA ALA B 14 8.86 42.34 -19.46
C ALA B 14 7.98 42.46 -18.21
N LEU B 15 6.85 41.74 -18.24
CA LEU B 15 5.76 41.93 -17.29
C LEU B 15 5.79 40.89 -16.16
N TRP B 16 6.87 40.10 -16.07
CA TRP B 16 7.07 39.16 -14.98
C TRP B 16 8.03 39.76 -13.96
N ALA B 17 7.76 39.57 -12.66
CA ALA B 17 8.76 39.73 -11.60
C ALA B 17 9.07 38.36 -10.99
N SER B 18 9.89 38.32 -9.92
CA SER B 18 10.35 37.03 -9.41
C SER B 18 10.67 37.10 -7.91
N ILE B 19 10.44 35.96 -7.24
CA ILE B 19 10.77 35.77 -5.84
C ILE B 19 11.73 34.59 -5.73
N PRO B 20 12.84 34.73 -4.96
CA PRO B 20 13.79 33.64 -4.79
C PRO B 20 13.09 32.54 -4.02
N CYS B 21 12.87 31.39 -4.68
CA CYS B 21 12.10 30.32 -4.07
C CYS B 21 12.55 28.94 -4.57
N PRO B 22 13.31 28.19 -3.73
CA PRO B 22 13.67 26.81 -4.06
C PRO B 22 12.40 26.01 -4.32
N ARG B 23 12.41 25.16 -5.36
CA ARG B 23 11.28 24.29 -5.62
C ARG B 23 11.04 23.40 -4.40
N SER B 24 12.07 23.20 -3.56
CA SER B 24 11.95 22.39 -2.35
C SER B 24 11.12 23.08 -1.26
N GLU B 25 11.00 24.42 -1.34
CA GLU B 25 10.16 25.15 -0.41
C GLU B 25 8.75 25.32 -0.97
N LEU B 26 8.54 25.04 -2.26
CA LEU B 26 7.24 25.25 -2.88
C LEU B 26 7.16 24.62 -4.26
N ARG B 27 6.27 23.64 -4.41
CA ARG B 27 5.91 23.10 -5.71
C ARG B 27 4.49 23.54 -6.05
N LEU B 28 4.37 24.47 -7.01
CA LEU B 28 3.09 25.02 -7.38
C LEU B 28 2.15 23.89 -7.78
N ASP B 29 2.67 22.88 -8.49
CA ASP B 29 1.82 21.84 -9.04
C ASP B 29 1.17 21.02 -7.92
N LEU B 30 1.77 21.03 -6.72
CA LEU B 30 1.27 20.24 -5.59
C LEU B 30 0.32 21.07 -4.73
N VAL B 31 0.48 22.40 -4.76
CA VAL B 31 -0.21 23.26 -3.83
C VAL B 31 -1.41 23.94 -4.48
N LEU B 32 -1.43 24.13 -5.82
CA LEU B 32 -2.45 25.01 -6.38
C LEU B 32 -3.66 24.24 -6.88
N ALA B 33 -3.51 22.93 -7.13
CA ALA B 33 -4.64 22.12 -7.59
C ALA B 33 -5.29 21.37 -6.42
N SER B 34 -4.48 21.10 -5.39
CA SER B 34 -4.69 20.00 -4.46
C SER B 34 -5.94 20.14 -3.59
N GLY B 35 -6.79 21.15 -3.83
CA GLY B 35 -7.97 21.36 -3.01
C GLY B 35 -7.69 22.03 -1.66
N GLN B 36 -6.72 22.95 -1.63
CA GLN B 36 -6.72 24.04 -0.67
C GLN B 36 -7.54 25.19 -1.23
N SER B 37 -7.07 25.74 -2.35
CA SER B 37 -7.84 26.66 -3.18
C SER B 37 -8.47 25.86 -4.32
N PHE B 38 -9.59 26.36 -4.84
CA PHE B 38 -10.25 25.77 -5.98
C PHE B 38 -10.32 26.74 -7.16
N ARG B 39 -9.41 27.74 -7.20
CA ARG B 39 -9.53 28.88 -8.11
C ARG B 39 -8.29 29.03 -9.00
N TRP B 40 -7.24 28.23 -8.79
CA TRP B 40 -6.09 28.24 -9.67
C TRP B 40 -6.22 27.16 -10.73
N LYS B 41 -6.02 27.51 -12.01
CA LYS B 41 -6.02 26.54 -13.09
C LYS B 41 -4.69 26.66 -13.83
N GLU B 42 -4.25 25.53 -14.42
CA GLU B 42 -3.04 25.50 -15.24
C GLU B 42 -3.46 25.82 -16.67
N GLN B 43 -3.51 27.12 -17.02
CA GLN B 43 -4.15 27.53 -18.26
C GLN B 43 -3.24 27.17 -19.43
N SER B 44 -1.93 27.32 -19.24
CA SER B 44 -0.95 26.77 -20.16
C SER B 44 0.06 25.96 -19.35
N PRO B 45 0.78 25.02 -19.97
CA PRO B 45 1.75 24.18 -19.25
C PRO B 45 2.64 24.95 -18.28
N ALA B 46 2.62 24.54 -17.01
CA ALA B 46 3.48 25.07 -15.95
C ALA B 46 3.09 26.51 -15.59
N HIS B 47 1.84 26.89 -15.91
CA HIS B 47 1.41 28.28 -15.85
C HIS B 47 0.05 28.40 -15.16
N TRP B 48 0.08 28.79 -13.88
CA TRP B 48 -1.07 28.70 -12.99
C TRP B 48 -1.73 30.08 -12.89
N SER B 49 -3.01 30.17 -13.22
CA SER B 49 -3.70 31.44 -13.24
C SER B 49 -4.92 31.38 -12.33
N GLY B 50 -5.09 32.38 -11.46
CA GLY B 50 -6.31 32.52 -10.66
C GLY B 50 -6.37 33.85 -9.93
N VAL B 51 -7.45 34.08 -9.18
CA VAL B 51 -7.71 35.35 -8.52
C VAL B 51 -7.17 35.37 -7.10
N LEU B 52 -6.68 36.53 -6.68
CA LEU B 52 -6.40 36.86 -5.31
C LEU B 52 -6.92 38.28 -5.04
N ALA B 53 -7.80 38.47 -4.07
CA ALA B 53 -8.08 39.81 -3.58
C ALA B 53 -8.43 40.76 -4.71
N ASP B 54 -9.32 40.34 -5.61
CA ASP B 54 -9.81 41.18 -6.68
C ASP B 54 -8.71 41.55 -7.69
N GLN B 55 -7.77 40.64 -7.94
CA GLN B 55 -6.75 40.77 -8.99
C GLN B 55 -6.45 39.39 -9.55
N VAL B 56 -6.17 39.28 -10.83
CA VAL B 56 -5.80 37.98 -11.40
C VAL B 56 -4.29 37.85 -11.36
N TRP B 57 -3.78 36.62 -11.31
CA TRP B 57 -2.34 36.36 -11.46
C TRP B 57 -2.09 35.15 -12.34
N THR B 58 -0.92 35.13 -12.97
CA THR B 58 -0.35 33.90 -13.48
C THR B 58 0.99 33.69 -12.81
N LEU B 59 1.28 32.43 -12.45
CA LEU B 59 2.46 32.07 -11.68
C LEU B 59 3.16 30.92 -12.36
N THR B 60 4.49 30.92 -12.25
CA THR B 60 5.29 29.80 -12.70
C THR B 60 6.64 29.87 -12.00
N GLN B 61 7.42 28.78 -12.08
CA GLN B 61 8.64 28.70 -11.30
C GLN B 61 9.71 27.89 -12.05
N THR B 62 10.94 28.04 -11.55
CA THR B 62 12.08 27.24 -11.98
C THR B 62 12.49 26.39 -10.78
N GLU B 63 13.73 25.89 -10.76
CA GLU B 63 14.22 25.11 -9.64
C GLU B 63 14.65 26.04 -8.49
N ASP B 64 14.64 27.34 -8.72
CA ASP B 64 15.29 28.31 -7.86
C ASP B 64 14.43 29.59 -7.75
N GLN B 65 13.48 29.79 -8.68
CA GLN B 65 12.78 31.05 -8.78
C GLN B 65 11.27 30.80 -8.93
N LEU B 66 10.49 31.70 -8.31
CA LEU B 66 9.05 31.77 -8.49
C LEU B 66 8.70 33.04 -9.27
N TYR B 67 8.23 32.86 -10.49
CA TYR B 67 7.93 33.98 -11.39
C TYR B 67 6.44 34.24 -11.34
N CYS B 68 6.08 35.53 -11.43
CA CYS B 68 4.69 35.93 -11.32
C CYS B 68 4.38 37.18 -12.15
N THR B 69 3.12 37.27 -12.57
CA THR B 69 2.60 38.39 -13.33
C THR B 69 1.16 38.64 -12.88
N VAL B 70 0.74 39.91 -12.94
CA VAL B 70 -0.55 40.35 -12.41
C VAL B 70 -1.32 41.09 -13.51
N TYR B 71 -2.64 40.98 -13.46
CA TYR B 71 -3.54 41.64 -14.38
C TYR B 71 -4.50 42.48 -13.53
N ARG B 72 -4.36 43.81 -13.56
CA ARG B 72 -4.95 44.63 -12.51
C ARG B 72 -6.40 45.01 -12.80
N GLY B 73 -6.71 45.32 -14.05
CA GLY B 73 -8.06 45.72 -14.43
C GLY B 73 -8.11 46.24 -15.86
N ASP B 74 -9.30 46.68 -16.25
CA ASP B 74 -9.49 47.48 -17.45
C ASP B 74 -8.83 48.84 -17.26
N ASP B 75 -8.56 49.17 -15.98
CA ASP B 75 -7.73 50.28 -15.53
C ASP B 75 -6.66 50.65 -16.55
N SER B 76 -5.93 49.62 -17.02
CA SER B 76 -5.16 49.65 -18.26
C SER B 76 -3.87 50.43 -18.10
N GLN B 77 -2.95 49.92 -17.26
CA GLN B 77 -1.69 50.60 -17.01
C GLN B 77 -0.57 49.66 -17.48
N VAL B 78 -0.53 48.46 -16.88
CA VAL B 78 0.08 47.26 -17.45
C VAL B 78 1.55 47.15 -17.05
N SER B 79 1.87 47.48 -15.79
CA SER B 79 3.19 47.26 -15.23
C SER B 79 3.42 45.78 -14.87
N ARG B 80 4.65 45.46 -14.46
CA ARG B 80 4.94 44.22 -13.72
C ARG B 80 4.32 44.31 -12.33
N PRO B 81 4.23 43.19 -11.58
CA PRO B 81 3.93 43.21 -10.15
C PRO B 81 4.71 44.26 -9.37
N THR B 82 4.00 45.01 -8.51
CA THR B 82 4.64 46.03 -7.68
C THR B 82 5.38 45.34 -6.55
N LEU B 83 5.93 46.12 -5.62
CA LEU B 83 6.57 45.56 -4.43
C LEU B 83 5.50 45.08 -3.45
N GLU B 84 4.43 45.88 -3.26
CA GLU B 84 3.34 45.56 -2.34
C GLU B 84 2.64 44.28 -2.79
N GLU B 85 2.31 44.23 -4.08
CA GLU B 85 1.74 43.08 -4.76
C GLU B 85 2.62 41.83 -4.60
N LEU B 86 3.95 41.99 -4.47
CA LEU B 86 4.84 40.85 -4.29
C LEU B 86 4.89 40.42 -2.82
N GLU B 87 4.58 41.32 -1.87
CA GLU B 87 4.53 40.93 -0.47
C GLU B 87 3.27 40.12 -0.22
N THR B 88 2.17 40.55 -0.86
CA THR B 88 0.92 39.81 -0.87
C THR B 88 1.19 38.36 -1.20
N LEU B 89 1.95 38.14 -2.27
CA LEU B 89 2.18 36.81 -2.81
C LEU B 89 3.13 36.04 -1.91
N HIS B 90 3.99 36.76 -1.18
CA HIS B 90 4.92 36.15 -0.26
C HIS B 90 4.16 35.61 0.96
N LYS B 91 3.22 36.40 1.48
CA LYS B 91 2.43 36.00 2.65
C LYS B 91 1.49 34.84 2.29
N TYR B 92 0.81 34.94 1.15
CA TYR B 92 -0.08 33.89 0.67
C TYR B 92 0.60 32.53 0.67
N PHE B 93 1.89 32.49 0.34
CA PHE B 93 2.63 31.25 0.34
C PHE B 93 3.35 31.04 1.66
N GLN B 94 3.16 31.96 2.61
CA GLN B 94 3.75 31.87 3.94
C GLN B 94 5.22 31.46 3.82
N LEU B 95 5.96 32.16 2.96
CA LEU B 95 7.32 31.75 2.62
C LEU B 95 8.27 32.02 3.80
N ASP B 96 7.78 32.74 4.82
CA ASP B 96 8.55 32.88 6.04
C ASP B 96 8.83 31.50 6.63
N VAL B 97 7.90 30.56 6.42
CA VAL B 97 7.94 29.26 7.09
C VAL B 97 8.89 28.34 6.33
N SER B 98 9.87 27.78 7.08
CA SER B 98 10.87 26.91 6.50
C SER B 98 10.33 25.48 6.39
N LEU B 99 10.11 25.06 5.15
CA LEU B 99 9.60 23.72 4.89
C LEU B 99 10.68 22.69 5.18
N ALA B 100 11.94 23.05 4.88
CA ALA B 100 13.07 22.17 5.09
C ALA B 100 13.14 21.77 6.56
N GLN B 101 12.98 22.77 7.43
CA GLN B 101 13.04 22.55 8.87
C GLN B 101 11.89 21.67 9.34
N LEU B 102 10.67 21.91 8.83
CA LEU B 102 9.49 21.17 9.25
C LEU B 102 9.58 19.71 8.80
N TYR B 103 9.95 19.51 7.53
CA TYR B 103 10.09 18.18 6.98
C TYR B 103 11.08 17.36 7.80
N SER B 104 12.18 17.99 8.19
CA SER B 104 13.26 17.37 8.92
C SER B 104 12.74 16.94 10.29
N HIS B 105 11.98 17.85 10.94
CA HIS B 105 11.42 17.60 12.25
C HIS B 105 10.41 16.46 12.18
N TRP B 106 9.51 16.50 11.19
CA TRP B 106 8.50 15.48 11.07
C TRP B 106 9.16 14.14 10.85
N ALA B 107 10.13 14.10 9.93
CA ALA B 107 10.79 12.85 9.62
C ALA B 107 11.44 12.26 10.88
N SER B 108 11.99 13.13 11.73
CA SER B 108 12.69 12.65 12.90
C SER B 108 11.75 11.93 13.86
N VAL B 109 10.45 12.21 13.81
CA VAL B 109 9.49 11.66 14.77
C VAL B 109 8.52 10.69 14.11
N ASP B 110 8.66 10.43 12.81
CA ASP B 110 7.63 9.72 12.06
C ASP B 110 8.27 9.07 10.82
N SER B 111 8.53 7.75 10.90
CA SER B 111 9.25 7.00 9.88
C SER B 111 8.39 6.84 8.63
N HIS B 112 7.06 6.85 8.82
CA HIS B 112 6.15 6.79 7.69
C HIS B 112 6.33 8.05 6.85
N PHE B 113 6.38 9.20 7.54
CA PHE B 113 6.57 10.49 6.91
C PHE B 113 7.89 10.53 6.15
N GLN B 114 8.93 9.90 6.70
CA GLN B 114 10.24 9.88 6.07
C GLN B 114 10.13 9.24 4.68
N ARG B 115 9.48 8.07 4.57
CA ARG B 115 9.36 7.37 3.30
C ARG B 115 8.59 8.21 2.30
N VAL B 116 7.41 8.68 2.72
CA VAL B 116 6.46 9.34 1.86
C VAL B 116 6.99 10.69 1.36
N ALA B 117 7.56 11.48 2.26
CA ALA B 117 7.86 12.89 2.03
C ALA B 117 8.94 13.12 0.97
N GLN B 118 9.71 12.09 0.62
CA GLN B 118 10.82 12.26 -0.28
C GLN B 118 10.34 12.59 -1.69
N LYS B 119 9.17 12.07 -2.08
CA LYS B 119 8.68 12.33 -3.43
C LYS B 119 7.73 13.52 -3.45
N PHE B 120 7.42 14.11 -2.29
CA PHE B 120 6.48 15.22 -2.23
C PHE B 120 7.09 16.40 -1.46
N GLN B 121 8.14 17.00 -2.01
CA GLN B 121 8.74 18.18 -1.42
C GLN B 121 7.89 19.39 -1.81
N GLY B 122 8.05 20.49 -1.06
CA GLY B 122 7.47 21.78 -1.45
C GLY B 122 5.96 21.83 -1.25
N VAL B 123 5.45 21.00 -0.32
CA VAL B 123 4.03 21.06 0.00
C VAL B 123 3.86 21.95 1.22
N ARG B 124 3.15 23.07 1.02
CA ARG B 124 2.89 24.01 2.10
C ARG B 124 1.43 24.47 2.03
N LEU B 125 1.00 25.19 3.07
CA LEU B 125 -0.36 25.69 3.12
C LEU B 125 -0.40 27.12 2.58
N LEU B 126 -1.38 27.39 1.74
CA LEU B 126 -1.74 28.74 1.38
C LEU B 126 -2.33 29.40 2.61
N ARG B 127 -2.19 30.74 2.67
CA ARG B 127 -2.90 31.56 3.63
C ARG B 127 -4.04 32.19 2.84
N GLN B 128 -5.24 31.66 3.03
CA GLN B 128 -6.38 32.03 2.19
C GLN B 128 -7.19 33.09 2.92
N ASP B 129 -8.03 33.79 2.17
CA ASP B 129 -8.94 34.78 2.71
C ASP B 129 -10.04 34.03 3.44
N PRO B 130 -10.27 34.29 4.74
CA PRO B 130 -11.31 33.63 5.51
C PRO B 130 -12.67 33.50 4.83
N THR B 131 -13.15 34.58 4.22
CA THR B 131 -14.43 34.47 3.57
C THR B 131 -14.36 33.36 2.52
N GLU B 132 -13.43 33.49 1.58
CA GLU B 132 -13.34 32.60 0.44
C GLU B 132 -13.19 31.17 0.91
N CYS B 133 -12.41 30.98 1.97
CA CYS B 133 -12.12 29.66 2.47
C CYS B 133 -13.41 29.04 3.00
N LEU B 134 -14.14 29.83 3.79
CA LEU B 134 -15.32 29.37 4.48
C LEU B 134 -16.36 28.88 3.49
N PHE B 135 -16.72 29.75 2.53
CA PHE B 135 -17.81 29.41 1.62
C PHE B 135 -17.32 28.37 0.61
N SER B 136 -16.01 28.30 0.36
CA SER B 136 -15.52 27.25 -0.50
C SER B 136 -15.71 25.90 0.18
N PHE B 137 -15.46 25.84 1.49
CA PHE B 137 -15.48 24.56 2.19
C PHE B 137 -16.90 24.23 2.63
N ILE B 138 -17.80 25.22 2.62
CA ILE B 138 -19.21 24.93 2.79
C ILE B 138 -19.71 24.19 1.56
N CYS B 139 -19.12 24.49 0.40
CA CYS B 139 -19.43 23.74 -0.80
C CYS B 139 -18.70 22.39 -0.82
N SER B 140 -17.93 22.06 0.22
CA SER B 140 -17.04 20.90 0.15
C SER B 140 -17.76 19.61 0.54
N SER B 141 -18.86 19.73 1.30
CA SER B 141 -19.70 18.59 1.69
C SER B 141 -19.96 17.65 0.51
N ASN B 142 -19.71 16.35 0.72
CA ASN B 142 -20.09 15.31 -0.22
C ASN B 142 -19.69 15.69 -1.64
N ASN B 143 -18.42 16.04 -1.84
CA ASN B 143 -17.94 16.39 -3.16
C ASN B 143 -16.53 15.86 -3.38
N ASN B 144 -16.09 15.91 -4.64
CA ASN B 144 -14.69 15.79 -4.98
C ASN B 144 -14.19 17.17 -5.41
N ILE B 145 -12.90 17.28 -5.73
CA ILE B 145 -12.29 18.58 -6.02
C ILE B 145 -12.93 19.23 -7.25
N ALA B 146 -13.22 18.41 -8.27
CA ALA B 146 -13.67 18.92 -9.55
C ALA B 146 -15.06 19.57 -9.43
N ARG B 147 -15.99 18.90 -8.73
CA ARG B 147 -17.33 19.44 -8.58
C ARG B 147 -17.31 20.73 -7.77
N ILE B 148 -16.38 20.85 -6.81
CA ILE B 148 -16.28 22.01 -5.94
C ILE B 148 -15.74 23.19 -6.75
N THR B 149 -14.71 22.89 -7.55
CA THR B 149 -14.11 23.86 -8.44
C THR B 149 -15.20 24.54 -9.28
N GLY B 150 -16.12 23.73 -9.81
CA GLY B 150 -17.21 24.23 -10.63
C GLY B 150 -18.18 25.07 -9.81
N MET B 151 -18.63 24.52 -8.68
CA MET B 151 -19.56 25.20 -7.80
C MET B 151 -19.04 26.58 -7.40
N VAL B 152 -17.74 26.67 -7.05
CA VAL B 152 -17.14 27.92 -6.61
C VAL B 152 -17.07 28.90 -7.77
N GLU B 153 -16.72 28.39 -8.96
CA GLU B 153 -16.62 29.24 -10.14
C GLU B 153 -17.96 29.91 -10.40
N ARG B 154 -18.99 29.07 -10.52
CA ARG B 154 -20.33 29.52 -10.83
C ARG B 154 -20.82 30.48 -9.74
N LEU B 155 -20.46 30.20 -8.49
CA LEU B 155 -20.82 31.08 -7.38
C LEU B 155 -20.21 32.46 -7.60
N CYS B 156 -18.94 32.48 -8.02
CA CYS B 156 -18.20 33.73 -8.15
C CYS B 156 -18.70 34.52 -9.36
N GLN B 157 -18.93 33.83 -10.48
CA GLN B 157 -19.42 34.46 -11.71
C GLN B 157 -20.79 35.11 -11.48
N ALA B 158 -21.61 34.48 -10.63
CA ALA B 158 -22.97 34.93 -10.43
C ALA B 158 -23.07 35.95 -9.30
N PHE B 159 -22.15 35.93 -8.33
CA PHE B 159 -22.31 36.81 -7.16
C PHE B 159 -21.13 37.75 -6.94
N GLY B 160 -20.04 37.53 -7.71
CA GLY B 160 -18.80 38.20 -7.43
C GLY B 160 -18.46 39.24 -8.50
N PRO B 161 -17.73 40.31 -8.14
CA PRO B 161 -17.31 41.33 -9.08
C PRO B 161 -16.64 40.72 -10.30
N ARG B 162 -17.03 41.20 -11.49
CA ARG B 162 -16.28 40.93 -12.70
C ARG B 162 -15.01 41.77 -12.66
N LEU B 163 -13.87 41.17 -13.04
CA LEU B 163 -12.59 41.84 -12.93
C LEU B 163 -11.99 42.07 -14.31
N ILE B 164 -11.83 40.98 -15.06
CA ILE B 164 -11.02 40.94 -16.27
C ILE B 164 -11.36 39.67 -17.04
N GLN B 165 -11.10 39.69 -18.34
CA GLN B 165 -11.24 38.52 -19.19
C GLN B 165 -9.92 38.26 -19.90
N LEU B 166 -9.42 37.04 -19.79
CA LEU B 166 -8.24 36.59 -20.52
C LEU B 166 -8.66 35.41 -21.38
N ASP B 167 -8.42 35.52 -22.70
CA ASP B 167 -8.87 34.49 -23.63
C ASP B 167 -10.36 34.28 -23.41
N ASP B 168 -10.79 33.03 -23.16
CA ASP B 168 -12.21 32.73 -23.03
C ASP B 168 -12.65 32.78 -21.57
N VAL B 169 -11.73 33.13 -20.65
CA VAL B 169 -11.98 32.97 -19.24
C VAL B 169 -12.29 34.34 -18.61
N THR B 170 -13.46 34.43 -17.99
CA THR B 170 -13.90 35.63 -17.31
C THR B 170 -13.71 35.46 -15.80
N TYR B 171 -12.81 36.27 -15.21
CA TYR B 171 -12.41 36.11 -13.83
C TYR B 171 -13.20 37.07 -12.95
N HIS B 172 -13.94 36.47 -12.00
CA HIS B 172 -14.63 37.23 -10.98
C HIS B 172 -13.91 37.07 -9.64
N GLY B 173 -14.02 38.12 -8.81
CA GLY B 173 -13.57 38.10 -7.43
C GLY B 173 -14.58 37.35 -6.57
N PHE B 174 -14.16 36.99 -5.36
CA PHE B 174 -15.04 36.24 -4.48
C PHE B 174 -16.06 37.21 -3.91
N PRO B 175 -17.35 36.81 -3.78
CA PRO B 175 -18.37 37.69 -3.19
C PRO B 175 -18.06 38.20 -1.80
N ASN B 176 -18.70 39.30 -1.41
CA ASN B 176 -18.69 39.72 -0.02
C ASN B 176 -19.94 39.13 0.62
N LEU B 177 -19.97 39.19 1.95
CA LEU B 177 -21.06 38.63 2.72
C LEU B 177 -22.41 39.19 2.28
N HIS B 178 -22.46 40.51 2.02
CA HIS B 178 -23.69 41.17 1.61
C HIS B 178 -24.27 40.47 0.40
N ALA B 179 -23.40 40.19 -0.58
CA ALA B 179 -23.85 39.62 -1.83
C ALA B 179 -24.53 38.26 -1.60
N LEU B 180 -24.03 37.53 -0.59
CA LEU B 180 -24.45 36.15 -0.39
C LEU B 180 -25.67 36.08 0.52
N ALA B 181 -25.86 37.12 1.35
CA ALA B 181 -26.94 37.14 2.34
C ALA B 181 -28.26 37.71 1.76
N GLY B 182 -28.29 38.06 0.47
CA GLY B 182 -29.49 38.58 -0.15
C GLY B 182 -30.59 37.53 -0.30
N PRO B 183 -31.88 37.95 -0.39
CA PRO B 183 -33.01 37.04 -0.50
C PRO B 183 -32.95 36.05 -1.65
N GLU B 184 -32.53 36.55 -2.82
CA GLU B 184 -32.58 35.79 -4.06
C GLU B 184 -31.44 34.76 -4.11
N ALA B 185 -30.55 34.82 -3.10
CA ALA B 185 -29.29 34.11 -3.14
C ALA B 185 -29.50 32.60 -3.26
N GLU B 186 -30.20 32.02 -2.29
CA GLU B 186 -30.38 30.58 -2.24
C GLU B 186 -30.96 30.10 -3.57
N THR B 187 -32.02 30.78 -4.00
CA THR B 187 -32.74 30.39 -5.21
C THR B 187 -31.74 30.26 -6.36
N HIS B 188 -30.86 31.27 -6.49
CA HIS B 188 -29.90 31.35 -7.56
C HIS B 188 -28.88 30.22 -7.39
N LEU B 189 -28.30 30.15 -6.18
CA LEU B 189 -27.28 29.16 -5.86
C LEU B 189 -27.80 27.76 -6.16
N ARG B 190 -29.07 27.50 -5.84
CA ARG B 190 -29.67 26.19 -6.10
C ARG B 190 -29.71 25.92 -7.60
N LYS B 191 -29.97 26.98 -8.37
CA LYS B 191 -30.00 26.88 -9.82
C LYS B 191 -28.59 26.63 -10.38
N LEU B 192 -27.56 26.89 -9.57
CA LEU B 192 -26.17 26.68 -9.98
C LEU B 192 -25.65 25.30 -9.61
N GLY B 193 -26.51 24.48 -8.99
CA GLY B 193 -26.23 23.06 -8.77
C GLY B 193 -25.68 22.77 -7.37
N LEU B 194 -25.77 23.76 -6.46
CA LEU B 194 -25.19 23.63 -5.12
C LEU B 194 -26.06 22.77 -4.21
N GLY B 195 -27.28 22.43 -4.63
CA GLY B 195 -28.12 21.58 -3.80
C GLY B 195 -28.29 22.18 -2.41
N TYR B 196 -28.34 21.32 -1.39
CA TYR B 196 -28.59 21.70 0.01
C TYR B 196 -27.65 22.82 0.45
N ARG B 197 -26.42 22.81 -0.09
CA ARG B 197 -25.35 23.68 0.37
C ARG B 197 -25.77 25.15 0.27
N ALA B 198 -26.60 25.44 -0.75
CA ALA B 198 -27.11 26.78 -0.97
C ALA B 198 -27.69 27.40 0.31
N ARG B 199 -28.39 26.60 1.12
CA ARG B 199 -28.96 27.15 2.34
C ARG B 199 -27.85 27.60 3.28
N TYR B 200 -26.80 26.77 3.39
CA TYR B 200 -25.75 26.99 4.36
C TYR B 200 -24.96 28.25 3.99
N VAL B 201 -24.72 28.43 2.68
CA VAL B 201 -24.02 29.60 2.21
C VAL B 201 -24.77 30.85 2.62
N ARG B 202 -26.06 30.92 2.26
CA ARG B 202 -26.85 32.11 2.48
C ARG B 202 -27.00 32.37 3.98
N ALA B 203 -27.26 31.29 4.72
CA ALA B 203 -27.55 31.39 6.15
C ALA B 203 -26.32 31.85 6.92
N SER B 204 -25.16 31.28 6.57
CA SER B 204 -23.91 31.64 7.23
C SER B 204 -23.55 33.09 6.92
N ALA B 205 -23.75 33.49 5.65
CA ALA B 205 -23.49 34.87 5.26
C ALA B 205 -24.35 35.80 6.12
N LYS B 206 -25.65 35.49 6.19
CA LYS B 206 -26.60 36.32 6.89
C LYS B 206 -26.27 36.34 8.39
N ALA B 207 -25.77 35.21 8.91
CA ALA B 207 -25.46 35.09 10.31
C ALA B 207 -24.24 35.94 10.66
N ILE B 208 -23.25 35.97 9.78
CA ILE B 208 -22.01 36.63 10.12
C ILE B 208 -22.25 38.14 10.21
N LEU B 209 -23.00 38.66 9.22
CA LEU B 209 -23.45 40.04 9.25
C LEU B 209 -24.18 40.36 10.55
N GLU B 210 -25.38 39.79 10.71
CA GLU B 210 -26.37 40.27 11.66
C GLU B 210 -25.95 39.88 13.09
N GLU B 211 -25.70 38.59 13.32
CA GLU B 211 -25.42 38.09 14.66
C GLU B 211 -24.00 38.46 15.08
N GLN B 212 -23.00 38.24 14.20
CA GLN B 212 -21.61 38.25 14.61
C GLN B 212 -20.96 39.63 14.42
N GLY B 213 -21.68 40.54 13.75
CA GLY B 213 -21.25 41.92 13.65
C GLY B 213 -20.21 42.13 12.54
N GLY B 214 -20.56 41.66 11.33
CA GLY B 214 -19.83 41.98 10.11
C GLY B 214 -18.64 41.05 9.87
N PRO B 215 -17.97 41.22 8.70
CA PRO B 215 -16.88 40.32 8.30
C PRO B 215 -15.60 40.52 9.10
N ALA B 216 -15.60 41.54 9.95
CA ALA B 216 -14.51 41.75 10.90
C ALA B 216 -14.40 40.54 11.83
N TRP B 217 -15.52 39.85 12.05
CA TRP B 217 -15.56 38.73 12.98
C TRP B 217 -14.57 37.63 12.57
N LEU B 218 -14.45 37.39 11.26
CA LEU B 218 -13.57 36.36 10.75
C LEU B 218 -12.11 36.72 11.03
N GLN B 219 -11.76 37.99 10.79
CA GLN B 219 -10.43 38.46 11.13
C GLN B 219 -10.16 38.26 12.62
N GLN B 220 -11.17 38.47 13.46
CA GLN B 220 -11.03 38.24 14.90
C GLN B 220 -10.59 36.79 15.14
N LEU B 221 -11.19 35.83 14.43
CA LEU B 221 -10.90 34.43 14.67
C LEU B 221 -9.45 34.12 14.28
N ARG B 222 -8.92 34.86 13.31
CA ARG B 222 -7.56 34.69 12.86
C ARG B 222 -6.57 35.05 13.97
N VAL B 223 -6.99 35.90 14.92
CA VAL B 223 -6.11 36.28 16.02
C VAL B 223 -6.49 35.50 17.28
N ALA B 224 -7.77 35.11 17.35
CA ALA B 224 -8.28 34.26 18.40
C ALA B 224 -7.48 32.96 18.45
N PRO B 225 -7.36 32.30 19.63
CA PRO B 225 -6.64 31.03 19.69
C PRO B 225 -7.49 29.94 19.05
N TYR B 226 -6.80 28.88 18.62
CA TYR B 226 -7.35 27.80 17.81
C TYR B 226 -8.71 27.36 18.32
N GLU B 227 -8.77 26.99 19.61
CA GLU B 227 -9.91 26.28 20.17
C GLU B 227 -11.18 27.11 20.05
N GLU B 228 -11.01 28.43 20.28
CA GLU B 228 -12.10 29.40 20.29
C GLU B 228 -12.60 29.63 18.87
N ALA B 229 -11.64 29.65 17.93
CA ALA B 229 -11.93 29.84 16.51
C ALA B 229 -12.76 28.68 15.97
N HIS B 230 -12.36 27.47 16.35
CA HIS B 230 -13.02 26.25 15.91
C HIS B 230 -14.46 26.22 16.42
N LYS B 231 -14.58 26.38 17.74
CA LYS B 231 -15.85 26.46 18.44
C LYS B 231 -16.74 27.47 17.71
N ALA B 232 -16.20 28.66 17.47
CA ALA B 232 -16.98 29.74 16.89
C ALA B 232 -17.46 29.36 15.49
N LEU B 233 -16.59 28.74 14.70
CA LEU B 233 -16.93 28.41 13.32
C LEU B 233 -18.02 27.35 13.27
N CYS B 234 -18.06 26.43 14.25
CA CYS B 234 -18.99 25.30 14.24
C CYS B 234 -20.41 25.77 14.52
N THR B 235 -20.55 27.01 15.04
CA THR B 235 -21.88 27.59 15.17
C THR B 235 -22.46 27.94 13.81
N LEU B 236 -21.66 28.00 12.75
CA LEU B 236 -22.21 28.42 11.48
C LEU B 236 -22.97 27.26 10.85
N PRO B 237 -24.07 27.57 10.12
CA PRO B 237 -24.74 26.60 9.24
C PRO B 237 -23.81 25.91 8.25
N GLY B 238 -23.82 24.58 8.27
CA GLY B 238 -23.05 23.76 7.33
C GLY B 238 -21.59 23.57 7.73
N VAL B 239 -21.23 24.05 8.93
CA VAL B 239 -19.85 24.02 9.35
C VAL B 239 -19.77 23.08 10.55
N GLY B 240 -19.21 21.88 10.31
CA GLY B 240 -18.88 20.93 11.36
C GLY B 240 -17.39 20.99 11.71
N ALA B 241 -16.94 20.07 12.56
CA ALA B 241 -15.55 20.01 12.99
C ALA B 241 -14.58 19.96 11.81
N LYS B 242 -14.87 19.11 10.81
CA LYS B 242 -13.95 18.94 9.69
C LYS B 242 -13.76 20.27 8.96
N VAL B 243 -14.86 20.89 8.54
CA VAL B 243 -14.77 22.12 7.78
C VAL B 243 -14.15 23.23 8.63
N ALA B 244 -14.46 23.25 9.91
CA ALA B 244 -13.89 24.27 10.80
C ALA B 244 -12.39 24.10 10.85
N ASP B 245 -11.92 22.86 10.86
CA ASP B 245 -10.50 22.60 10.95
C ASP B 245 -9.85 22.98 9.64
N CYS B 246 -10.55 22.77 8.53
CA CYS B 246 -9.99 23.15 7.25
C CYS B 246 -9.74 24.65 7.29
N ILE B 247 -10.79 25.40 7.65
CA ILE B 247 -10.74 26.85 7.67
C ILE B 247 -9.65 27.32 8.64
N CYS B 248 -9.59 26.71 9.83
CA CYS B 248 -8.61 27.09 10.83
C CYS B 248 -7.22 26.97 10.24
N LEU B 249 -6.95 25.85 9.56
CA LEU B 249 -5.62 25.57 9.07
C LEU B 249 -5.26 26.46 7.88
N MET B 250 -6.24 26.80 7.06
CA MET B 250 -5.97 27.31 5.72
C MET B 250 -6.24 28.80 5.63
N ALA B 251 -6.88 29.41 6.65
CA ALA B 251 -7.20 30.83 6.59
C ALA B 251 -7.08 31.57 7.92
N LEU B 252 -6.91 30.86 9.05
CA LEU B 252 -6.89 31.51 10.35
C LEU B 252 -5.56 31.25 11.07
N ASP B 253 -4.52 30.86 10.32
CA ASP B 253 -3.20 30.76 10.89
C ASP B 253 -3.20 29.84 12.11
N LYS B 254 -3.91 28.72 12.05
CA LYS B 254 -3.80 27.68 13.08
C LYS B 254 -3.13 26.46 12.48
N PRO B 255 -1.78 26.41 12.37
CA PRO B 255 -1.11 25.31 11.68
C PRO B 255 -1.27 23.93 12.33
N GLN B 256 -1.80 23.93 13.57
CA GLN B 256 -1.93 22.71 14.33
C GLN B 256 -3.30 22.08 14.06
N ALA B 257 -4.17 22.79 13.32
CA ALA B 257 -5.48 22.27 13.01
C ALA B 257 -5.31 21.04 12.11
N VAL B 258 -5.94 19.94 12.47
CA VAL B 258 -5.87 18.68 11.73
C VAL B 258 -7.29 18.27 11.36
N PRO B 259 -7.75 18.50 10.12
CA PRO B 259 -9.10 18.14 9.73
C PRO B 259 -9.27 16.63 9.65
N VAL B 260 -10.29 16.10 10.32
CA VAL B 260 -10.50 14.65 10.33
C VAL B 260 -11.80 14.29 9.62
N ASP B 261 -11.65 13.43 8.60
CA ASP B 261 -12.74 12.81 7.89
C ASP B 261 -12.35 11.34 7.68
N VAL B 262 -13.01 10.68 6.74
CA VAL B 262 -12.90 9.25 6.60
C VAL B 262 -11.58 8.90 5.94
N HIS B 263 -11.06 9.81 5.11
CA HIS B 263 -9.80 9.56 4.45
C HIS B 263 -8.69 9.51 5.50
N VAL B 264 -8.74 10.37 6.52
CA VAL B 264 -7.64 10.44 7.47
C VAL B 264 -7.78 9.31 8.48
N TRP B 265 -9.02 8.95 8.85
CA TRP B 265 -9.27 7.71 9.58
C TRP B 265 -8.52 6.54 8.94
N GLN B 266 -8.69 6.41 7.62
CA GLN B 266 -8.13 5.31 6.86
C GLN B 266 -6.60 5.34 6.90
N ILE B 267 -6.01 6.51 6.66
CA ILE B 267 -4.56 6.69 6.75
C ILE B 267 -4.07 6.33 8.16
N ALA B 268 -4.69 6.94 9.17
CA ALA B 268 -4.27 6.72 10.54
C ALA B 268 -4.28 5.23 10.89
N HIS B 269 -5.31 4.52 10.45
CA HIS B 269 -5.44 3.11 10.82
C HIS B 269 -4.44 2.27 10.06
N ARG B 270 -4.43 2.39 8.72
CA ARG B 270 -3.55 1.62 7.87
C ARG B 270 -2.07 1.92 8.15
N ASP B 271 -1.74 3.21 8.24
CA ASP B 271 -0.35 3.61 8.16
C ASP B 271 0.22 3.83 9.56
N TYR B 272 -0.61 4.12 10.56
CA TYR B 272 -0.12 4.34 11.91
C TYR B 272 -0.66 3.31 12.90
N GLY B 273 -1.58 2.44 12.47
CA GLY B 273 -2.13 1.42 13.35
C GLY B 273 -3.04 1.97 14.44
N TRP B 274 -3.65 3.13 14.17
CA TRP B 274 -4.48 3.83 15.13
C TRP B 274 -5.88 3.24 15.17
N HIS B 275 -6.35 2.96 16.38
CA HIS B 275 -7.76 2.69 16.64
C HIS B 275 -8.17 3.65 17.75
N PRO B 276 -9.43 4.07 17.85
CA PRO B 276 -9.86 4.95 18.94
C PRO B 276 -9.86 4.17 20.25
N LYS B 277 -9.62 4.85 21.38
CA LYS B 277 -9.86 4.20 22.66
C LYS B 277 -11.28 4.48 23.16
N THR B 278 -11.86 3.46 23.82
CA THR B 278 -13.06 3.57 24.64
C THR B 278 -14.30 3.60 23.76
N SER B 279 -14.12 3.58 22.42
CA SER B 279 -15.19 4.00 21.54
C SER B 279 -16.18 2.87 21.30
N GLN B 280 -17.47 3.25 21.23
CA GLN B 280 -18.59 2.32 21.17
C GLN B 280 -18.76 1.80 19.74
N ALA B 281 -18.96 2.72 18.77
CA ALA B 281 -18.62 2.43 17.38
C ALA B 281 -17.10 2.26 17.29
N LYS B 282 -16.66 1.36 16.41
CA LYS B 282 -15.24 1.21 16.10
C LYS B 282 -14.83 2.21 15.02
N GLY B 283 -15.74 3.13 14.63
CA GLY B 283 -15.60 4.02 13.49
C GLY B 283 -15.93 5.48 13.84
N PRO B 284 -15.95 6.41 12.84
CA PRO B 284 -16.04 7.84 13.13
C PRO B 284 -17.15 8.25 14.09
N SER B 285 -16.86 9.27 14.88
CA SER B 285 -17.77 9.87 15.83
C SER B 285 -17.16 11.21 16.28
N PRO B 286 -17.96 12.21 16.70
CA PRO B 286 -17.39 13.48 17.12
C PRO B 286 -16.15 13.32 18.00
N LEU B 287 -16.26 12.44 19.00
CA LEU B 287 -15.22 12.30 20.01
C LEU B 287 -14.01 11.58 19.46
N ALA B 288 -14.24 10.53 18.65
CA ALA B 288 -13.14 9.75 18.10
C ALA B 288 -12.33 10.58 17.11
N ASN B 289 -13.02 11.37 16.32
CA ASN B 289 -12.41 12.31 15.41
C ASN B 289 -11.53 13.31 16.16
N LYS B 290 -12.08 13.87 17.23
CA LYS B 290 -11.36 14.82 18.07
C LYS B 290 -10.08 14.17 18.58
N GLU B 291 -10.22 12.91 19.00
CA GLU B 291 -9.09 12.14 19.54
C GLU B 291 -8.03 12.02 18.45
N LEU B 292 -8.47 11.73 17.22
CA LEU B 292 -7.55 11.46 16.14
C LEU B 292 -6.74 12.72 15.83
N GLY B 293 -7.40 13.88 15.91
CA GLY B 293 -6.73 15.17 15.71
C GLY B 293 -5.61 15.39 16.71
N ASN B 294 -5.92 15.10 17.99
CA ASN B 294 -4.94 15.20 19.07
C ASN B 294 -3.81 14.19 18.85
N PHE B 295 -4.17 13.00 18.36
CA PHE B 295 -3.16 12.02 18.03
C PHE B 295 -2.07 12.63 17.16
N PHE B 296 -2.51 13.26 16.06
CA PHE B 296 -1.56 13.75 15.08
C PHE B 296 -0.85 14.98 15.60
N ARG B 297 -1.54 15.82 16.39
CA ARG B 297 -0.85 16.97 16.98
C ARG B 297 0.27 16.48 17.89
N ASN B 298 0.02 15.42 18.67
CA ASN B 298 1.01 14.90 19.59
C ASN B 298 2.18 14.27 18.86
N LEU B 299 1.93 13.74 17.65
CA LEU B 299 3.00 13.09 16.90
C LEU B 299 3.85 14.11 16.12
N TRP B 300 3.21 15.07 15.44
CA TRP B 300 3.93 15.94 14.52
C TRP B 300 4.26 17.29 15.15
N GLY B 301 3.54 17.65 16.20
CA GLY B 301 3.80 18.91 16.86
C GLY B 301 2.88 19.99 16.35
N PRO B 302 3.28 21.28 16.41
CA PRO B 302 2.32 22.37 16.27
C PRO B 302 2.15 22.87 14.84
N TYR B 303 2.75 22.14 13.88
CA TYR B 303 2.42 22.27 12.47
C TYR B 303 1.81 20.96 11.93
N ALA B 304 1.05 20.27 12.77
CA ALA B 304 0.49 18.96 12.44
C ALA B 304 -0.33 19.04 11.15
N GLY B 305 -1.09 20.12 10.96
CA GLY B 305 -1.93 20.25 9.78
C GLY B 305 -1.08 20.29 8.52
N TRP B 306 0.07 20.98 8.59
CA TRP B 306 0.99 21.08 7.47
C TRP B 306 1.58 19.71 7.15
N ALA B 307 1.93 18.95 8.18
CA ALA B 307 2.40 17.58 7.97
C ALA B 307 1.34 16.75 7.26
N GLN B 308 0.11 16.83 7.76
CA GLN B 308 -1.02 16.16 7.15
C GLN B 308 -1.13 16.49 5.66
N ALA B 309 -0.95 17.77 5.31
CA ALA B 309 -1.06 18.21 3.93
C ALA B 309 -0.06 17.50 3.02
N VAL B 310 1.07 17.05 3.57
CA VAL B 310 2.04 16.34 2.76
C VAL B 310 1.48 14.96 2.42
N LEU B 311 0.84 14.31 3.41
CA LEU B 311 0.28 12.97 3.24
C LEU B 311 -0.90 12.98 2.27
N PHE B 312 -1.78 13.97 2.44
CA PHE B 312 -2.90 14.25 1.56
C PHE B 312 -2.42 14.35 0.12
N SER B 313 -1.34 15.10 -0.07
CA SER B 313 -0.80 15.33 -1.39
C SER B 313 -0.12 14.06 -1.92
N ALA B 314 0.13 13.07 -1.05
CA ALA B 314 0.63 11.77 -1.49
C ALA B 314 -0.51 10.77 -1.70
N ASP B 315 -1.72 11.17 -1.28
CA ASP B 315 -2.89 10.31 -1.36
C ASP B 315 -3.68 10.61 -2.62
N LEU B 316 -3.32 11.69 -3.34
CA LEU B 316 -3.88 12.00 -4.64
C LEU B 316 -2.89 11.70 -5.77
N ARG B 317 -1.65 11.28 -5.43
CA ARG B 317 -0.67 10.91 -6.45
C ARG B 317 -0.17 9.49 -6.15
N GLN B 318 -1.11 8.53 -6.17
CA GLN B 318 -0.83 7.11 -6.27
C GLN B 318 0.10 6.64 -5.13
N GLY C 1 56.22 -2.30 4.60
CA GLY C 1 55.78 -2.92 3.33
C GLY C 1 54.89 -1.96 2.55
N SER C 2 54.36 -2.43 1.43
CA SER C 2 53.60 -1.55 0.53
C SER C 2 52.26 -1.17 1.14
N HIS C 3 51.77 -0.03 0.65
CA HIS C 3 50.42 0.42 0.91
C HIS C 3 49.47 -0.61 0.33
N MET C 4 48.53 -1.06 1.17
CA MET C 4 47.54 -2.03 0.75
C MET C 4 46.22 -1.31 0.43
N ARG C 5 45.66 -1.65 -0.74
CA ARG C 5 44.38 -1.10 -1.13
C ARG C 5 43.30 -2.17 -1.02
N HIS C 6 42.07 -1.68 -0.81
CA HIS C 6 40.86 -2.46 -0.92
C HIS C 6 40.78 -3.10 -2.30
N ARG C 7 40.62 -4.44 -2.30
CA ARG C 7 40.64 -5.22 -3.53
C ARG C 7 39.27 -5.15 -4.22
N THR C 8 39.33 -5.05 -5.55
CA THR C 8 38.23 -5.43 -6.42
C THR C 8 38.58 -6.78 -7.06
N LEU C 9 37.68 -7.23 -7.93
CA LEU C 9 37.78 -8.53 -8.56
C LEU C 9 38.74 -8.46 -9.77
N SER C 10 38.75 -7.27 -10.38
CA SER C 10 39.81 -6.87 -11.29
C SER C 10 41.16 -6.84 -10.57
N SER C 11 41.27 -5.96 -9.56
CA SER C 11 42.51 -5.61 -8.88
C SER C 11 43.45 -6.79 -8.69
N SER C 12 42.95 -7.94 -8.23
CA SER C 12 43.87 -8.92 -7.67
C SER C 12 43.33 -10.34 -7.78
N PRO C 13 43.01 -10.84 -8.99
CA PRO C 13 42.24 -12.09 -9.14
C PRO C 13 42.93 -13.33 -8.60
N ALA C 14 44.24 -13.20 -8.32
CA ALA C 14 45.03 -14.27 -7.76
C ALA C 14 44.57 -14.58 -6.33
N LEU C 15 44.15 -13.52 -5.62
CA LEU C 15 43.95 -13.54 -4.18
C LEU C 15 42.47 -13.71 -3.79
N TRP C 16 41.61 -13.99 -4.79
CA TRP C 16 40.21 -14.31 -4.52
C TRP C 16 40.03 -15.83 -4.55
N ALA C 17 39.25 -16.37 -3.60
CA ALA C 17 38.67 -17.70 -3.70
C ALA C 17 37.16 -17.57 -3.90
N SER C 18 36.45 -18.70 -3.93
CA SER C 18 35.02 -18.64 -4.21
C SER C 18 34.28 -19.77 -3.52
N ILE C 19 33.03 -19.46 -3.16
CA ILE C 19 32.08 -20.45 -2.64
C ILE C 19 30.90 -20.51 -3.60
N PRO C 20 30.47 -21.73 -4.00
CA PRO C 20 29.32 -21.90 -4.87
C PRO C 20 28.08 -21.41 -4.12
N CYS C 21 27.49 -20.31 -4.60
CA CYS C 21 26.39 -19.70 -3.86
C CYS C 21 25.44 -18.99 -4.81
N PRO C 22 24.24 -19.59 -5.03
CA PRO C 22 23.18 -18.91 -5.79
C PRO C 22 22.89 -17.56 -5.14
N ARG C 23 22.71 -16.51 -5.94
CA ARG C 23 22.26 -15.22 -5.42
C ARG C 23 20.92 -15.40 -4.68
N SER C 24 20.14 -16.44 -5.02
CA SER C 24 18.88 -16.73 -4.38
C SER C 24 19.06 -17.29 -2.96
N GLU C 25 20.24 -17.82 -2.64
CA GLU C 25 20.54 -18.25 -1.28
C GLU C 25 21.19 -17.13 -0.46
N LEU C 26 21.65 -16.06 -1.13
CA LEU C 26 22.34 -14.98 -0.45
C LEU C 26 22.51 -13.76 -1.35
N ARG C 27 21.90 -12.64 -0.96
CA ARG C 27 22.18 -11.34 -1.54
C ARG C 27 22.93 -10.48 -0.53
N LEU C 28 24.22 -10.26 -0.81
CA LEU C 28 25.09 -9.53 0.09
C LEU C 28 24.47 -8.17 0.39
N ASP C 29 23.92 -7.53 -0.64
CA ASP C 29 23.46 -6.15 -0.48
C ASP C 29 22.27 -6.08 0.48
N LEU C 30 21.56 -7.21 0.70
CA LEU C 30 20.39 -7.23 1.58
C LEU C 30 20.79 -7.62 3.00
N VAL C 31 21.89 -8.35 3.14
CA VAL C 31 22.24 -8.94 4.41
C VAL C 31 23.34 -8.15 5.14
N LEU C 32 24.21 -7.41 4.42
CA LEU C 32 25.39 -6.88 5.07
C LEU C 32 25.18 -5.45 5.58
N ALA C 33 24.22 -4.71 5.01
CA ALA C 33 23.96 -3.35 5.46
C ALA C 33 22.80 -3.29 6.45
N SER C 34 21.90 -4.30 6.35
CA SER C 34 20.53 -4.20 6.82
C SER C 34 20.40 -4.08 8.34
N GLY C 35 21.51 -3.95 9.08
CA GLY C 35 21.44 -3.76 10.52
C GLY C 35 21.26 -5.08 11.26
N GLN C 36 21.83 -6.17 10.72
CA GLN C 36 22.20 -7.32 11.52
C GLN C 36 23.59 -7.07 12.13
N SER C 37 24.60 -6.96 11.25
CA SER C 37 25.92 -6.46 11.60
C SER C 37 25.98 -5.00 11.21
N PHE C 38 26.89 -4.26 11.86
CA PHE C 38 27.12 -2.85 11.55
C PHE C 38 28.57 -2.60 11.11
N ARG C 39 29.23 -3.62 10.54
CA ARG C 39 30.67 -3.60 10.33
C ARG C 39 31.08 -3.75 8.86
N TRP C 40 30.12 -3.99 7.96
CA TRP C 40 30.40 -4.16 6.54
C TRP C 40 30.09 -2.85 5.82
N LYS C 41 31.05 -2.37 5.01
CA LYS C 41 30.84 -1.21 4.17
C LYS C 41 31.09 -1.63 2.73
N GLU C 42 30.35 -0.98 1.82
CA GLU C 42 30.56 -1.15 0.40
C GLU C 42 31.63 -0.16 -0.05
N GLN C 43 32.90 -0.56 0.03
CA GLN C 43 34.01 0.37 -0.14
C GLN C 43 34.13 0.76 -1.61
N SER C 44 33.94 -0.23 -2.49
CA SER C 44 33.71 0.03 -3.91
C SER C 44 32.44 -0.68 -4.35
N PRO C 45 31.78 -0.23 -5.42
CA PRO C 45 30.55 -0.87 -5.91
C PRO C 45 30.60 -2.39 -5.94
N ALA C 46 29.62 -3.00 -5.26
CA ALA C 46 29.41 -4.45 -5.21
C ALA C 46 30.49 -5.16 -4.41
N HIS C 47 31.20 -4.40 -3.55
CA HIS C 47 32.40 -4.87 -2.88
C HIS C 47 32.36 -4.54 -1.38
N TRP C 48 32.03 -5.56 -0.57
CA TRP C 48 31.70 -5.39 0.84
C TRP C 48 32.90 -5.77 1.68
N SER C 49 33.39 -4.82 2.49
CA SER C 49 34.58 -5.05 3.29
C SER C 49 34.25 -4.84 4.76
N GLY C 50 34.64 -5.79 5.62
CA GLY C 50 34.57 -5.62 7.05
C GLY C 50 35.29 -6.73 7.81
N VAL C 51 35.24 -6.68 9.15
CA VAL C 51 36.02 -7.57 10.00
C VAL C 51 35.20 -8.78 10.39
N LEU C 52 35.88 -9.92 10.46
CA LEU C 52 35.33 -11.15 10.99
C LEU C 52 36.45 -11.83 11.78
N ALA C 53 36.28 -11.93 13.10
CA ALA C 53 37.18 -12.70 13.93
C ALA C 53 38.63 -12.28 13.72
N ASP C 54 38.91 -10.99 13.90
CA ASP C 54 40.27 -10.44 13.85
C ASP C 54 40.92 -10.60 12.46
N GLN C 55 40.12 -10.65 11.38
CA GLN C 55 40.62 -10.65 10.02
C GLN C 55 39.72 -9.77 9.17
N VAL C 56 40.28 -9.05 8.20
CA VAL C 56 39.44 -8.25 7.31
C VAL C 56 39.07 -9.09 6.11
N TRP C 57 37.90 -8.84 5.52
CA TRP C 57 37.50 -9.47 4.27
C TRP C 57 36.92 -8.45 3.31
N THR C 58 37.07 -8.73 2.02
CA THR C 58 36.19 -8.14 1.01
C THR C 58 35.44 -9.26 0.32
N LEU C 59 34.14 -9.03 0.10
CA LEU C 59 33.23 -10.03 -0.46
C LEU C 59 32.50 -9.41 -1.66
N THR C 60 32.26 -10.27 -2.65
CA THR C 60 31.45 -9.91 -3.79
C THR C 60 30.93 -11.18 -4.43
N GLN C 61 29.93 -11.05 -5.30
CA GLN C 61 29.28 -12.24 -5.84
C GLN C 61 28.81 -12.04 -7.28
N THR C 62 28.52 -13.17 -7.92
CA THR C 62 27.84 -13.22 -9.22
C THR C 62 26.45 -13.82 -8.99
N GLU C 63 25.83 -14.36 -10.05
CA GLU C 63 24.52 -14.97 -9.94
C GLU C 63 24.64 -16.40 -9.39
N ASP C 64 25.86 -16.94 -9.27
CA ASP C 64 25.98 -18.26 -8.69
C ASP C 64 27.32 -18.45 -7.99
N GLN C 65 28.11 -17.38 -7.83
CA GLN C 65 29.35 -17.49 -7.07
C GLN C 65 29.45 -16.36 -6.04
N LEU C 66 29.96 -16.72 -4.86
CA LEU C 66 30.34 -15.77 -3.82
C LEU C 66 31.87 -15.71 -3.73
N TYR C 67 32.43 -14.57 -4.13
CA TYR C 67 33.88 -14.40 -4.18
C TYR C 67 34.31 -13.66 -2.92
N CYS C 68 35.48 -14.07 -2.41
CA CYS C 68 35.99 -13.52 -1.18
C CYS C 68 37.51 -13.46 -1.17
N THR C 69 38.01 -12.48 -0.42
CA THR C 69 39.43 -12.26 -0.24
C THR C 69 39.64 -11.78 1.20
N VAL C 70 40.80 -12.13 1.74
CA VAL C 70 41.13 -11.91 3.14
C VAL C 70 42.42 -11.11 3.22
N TYR C 71 42.56 -10.29 4.26
CA TYR C 71 43.77 -9.51 4.43
C TYR C 71 44.56 -9.97 5.65
N ARG C 72 45.68 -10.64 5.39
CA ARG C 72 46.78 -10.79 6.32
C ARG C 72 47.81 -9.71 5.99
N GLY C 73 48.49 -9.23 7.04
CA GLY C 73 49.21 -7.96 6.98
C GLY C 73 50.42 -7.95 6.03
N ASP C 74 51.11 -9.09 5.87
CA ASP C 74 52.48 -9.13 5.36
C ASP C 74 52.53 -9.90 4.04
N ASP C 75 53.21 -9.33 3.04
CA ASP C 75 53.74 -10.10 1.92
C ASP C 75 55.06 -10.76 2.37
N VAL C 78 50.92 -12.58 1.48
CA VAL C 78 49.50 -12.47 1.03
C VAL C 78 49.15 -13.72 0.23
N SER C 79 48.13 -14.45 0.68
CA SER C 79 47.57 -15.57 -0.08
C SER C 79 46.05 -15.48 -0.12
N ARG C 80 45.45 -16.34 -0.97
CA ARG C 80 44.01 -16.50 -1.03
C ARG C 80 43.49 -17.08 0.28
N PRO C 81 42.19 -16.86 0.61
CA PRO C 81 41.56 -17.55 1.74
C PRO C 81 41.85 -19.06 1.78
N THR C 82 42.20 -19.57 2.96
CA THR C 82 42.50 -20.99 3.15
C THR C 82 41.20 -21.77 3.11
N LEU C 83 41.25 -23.08 3.41
CA LEU C 83 40.05 -23.89 3.49
C LEU C 83 39.33 -23.63 4.80
N GLU C 84 40.09 -23.54 5.91
CA GLU C 84 39.55 -23.30 7.24
C GLU C 84 38.86 -21.93 7.28
N GLU C 85 39.56 -20.92 6.77
CA GLU C 85 39.08 -19.56 6.63
C GLU C 85 37.80 -19.49 5.78
N LEU C 86 37.61 -20.44 4.85
CA LEU C 86 36.41 -20.48 4.02
C LEU C 86 35.27 -21.19 4.74
N GLU C 87 35.56 -22.06 5.73
CA GLU C 87 34.51 -22.68 6.50
C GLU C 87 33.95 -21.66 7.49
N THR C 88 34.84 -20.85 8.05
CA THR C 88 34.46 -19.72 8.88
C THR C 88 33.38 -18.89 8.18
N LEU C 89 33.63 -18.56 6.92
CA LEU C 89 32.76 -17.68 6.14
C LEU C 89 31.47 -18.43 5.77
N HIS C 90 31.55 -19.76 5.69
CA HIS C 90 30.39 -20.58 5.37
C HIS C 90 29.45 -20.62 6.57
N LYS C 91 29.99 -20.75 7.78
CA LYS C 91 29.19 -20.78 9.00
C LYS C 91 28.54 -19.42 9.25
N TYR C 92 29.34 -18.35 9.13
CA TYR C 92 28.85 -16.99 9.29
C TYR C 92 27.59 -16.73 8.45
N PHE C 93 27.52 -17.29 7.25
CA PHE C 93 26.35 -17.13 6.41
C PHE C 93 25.37 -18.29 6.60
N GLN C 94 25.70 -19.22 7.50
CA GLN C 94 24.84 -20.36 7.79
C GLN C 94 24.32 -20.97 6.50
N LEU C 95 25.23 -21.23 5.57
CA LEU C 95 24.87 -21.66 4.22
C LEU C 95 24.36 -23.10 4.24
N ASP C 96 24.51 -23.79 5.38
CA ASP C 96 23.90 -25.09 5.59
C ASP C 96 22.40 -24.97 5.40
N VAL C 97 21.82 -23.81 5.75
CA VAL C 97 20.39 -23.63 5.78
C VAL C 97 19.88 -23.27 4.39
N SER C 98 18.91 -24.06 3.89
CA SER C 98 18.37 -23.84 2.55
C SER C 98 17.29 -22.78 2.60
N LEU C 99 17.60 -21.63 2.00
CA LEU C 99 16.68 -20.52 1.93
C LEU C 99 15.53 -20.86 0.99
N ALA C 100 15.83 -21.57 -0.10
CA ALA C 100 14.81 -21.93 -1.08
C ALA C 100 13.71 -22.73 -0.41
N GLN C 101 14.12 -23.68 0.44
CA GLN C 101 13.19 -24.53 1.18
C GLN C 101 12.33 -23.69 2.13
N LEU C 102 12.95 -22.77 2.87
CA LEU C 102 12.25 -21.96 3.86
C LEU C 102 11.28 -20.99 3.19
N TYR C 103 11.73 -20.32 2.13
CA TYR C 103 10.87 -19.42 1.38
C TYR C 103 9.61 -20.14 0.89
N SER C 104 9.80 -21.36 0.39
CA SER C 104 8.73 -22.19 -0.15
C SER C 104 7.74 -22.54 0.97
N HIS C 105 8.29 -22.90 2.13
CA HIS C 105 7.50 -23.26 3.30
C HIS C 105 6.71 -22.07 3.82
N TRP C 106 7.37 -20.91 3.93
CA TRP C 106 6.72 -19.71 4.41
C TRP C 106 5.61 -19.33 3.46
N ALA C 107 5.90 -19.33 2.16
CA ALA C 107 4.90 -18.97 1.17
C ALA C 107 3.68 -19.89 1.27
N SER C 108 3.90 -21.17 1.60
CA SER C 108 2.80 -22.12 1.66
C SER C 108 1.82 -21.76 2.78
N VAL C 109 2.27 -21.03 3.81
CA VAL C 109 1.41 -20.72 4.95
C VAL C 109 1.09 -19.22 5.04
N ASP C 110 1.57 -18.41 4.07
CA ASP C 110 1.51 -16.96 4.21
C ASP C 110 1.55 -16.31 2.82
N SER C 111 0.36 -15.90 2.33
CA SER C 111 0.21 -15.36 1.00
C SER C 111 0.81 -13.96 0.89
N HIS C 112 0.90 -13.26 2.03
CA HIS C 112 1.55 -11.97 2.09
C HIS C 112 3.02 -12.15 1.74
N PHE C 113 3.63 -13.16 2.38
CA PHE C 113 5.03 -13.50 2.18
C PHE C 113 5.29 -13.87 0.73
N GLN C 114 4.33 -14.54 0.09
CA GLN C 114 4.47 -14.94 -1.30
C GLN C 114 4.68 -13.70 -2.17
N ARG C 115 3.84 -12.67 -2.01
CA ARG C 115 3.95 -11.47 -2.84
C ARG C 115 5.29 -10.78 -2.61
N VAL C 116 5.61 -10.55 -1.34
CA VAL C 116 6.74 -9.74 -0.92
C VAL C 116 8.06 -10.41 -1.31
N ALA C 117 8.18 -11.71 -1.01
CA ALA C 117 9.45 -12.41 -1.02
C ALA C 117 10.04 -12.57 -2.43
N GLN C 118 9.26 -12.33 -3.48
CA GLN C 118 9.75 -12.57 -4.84
C GLN C 118 10.85 -11.59 -5.19
N LYS C 119 10.75 -10.36 -4.68
CA LYS C 119 11.73 -9.34 -5.03
C LYS C 119 12.85 -9.27 -3.99
N PHE C 120 12.77 -10.09 -2.94
CA PHE C 120 13.74 -10.07 -1.86
C PHE C 120 14.26 -11.48 -1.60
N GLN C 121 14.92 -12.06 -2.60
CA GLN C 121 15.52 -13.36 -2.41
C GLN C 121 16.84 -13.19 -1.67
N GLY C 122 17.32 -14.28 -1.09
CA GLY C 122 18.66 -14.32 -0.53
C GLY C 122 18.81 -13.54 0.76
N VAL C 123 17.73 -13.38 1.50
CA VAL C 123 17.81 -12.76 2.81
C VAL C 123 17.91 -13.86 3.84
N ARG C 124 19.05 -13.91 4.53
CA ARG C 124 19.29 -14.87 5.59
C ARG C 124 19.90 -14.17 6.80
N LEU C 125 20.06 -14.90 7.89
CA LEU C 125 20.71 -14.37 9.06
C LEU C 125 22.19 -14.72 9.09
N LEU C 126 23.00 -13.71 9.42
CA LEU C 126 24.37 -13.92 9.80
C LEU C 126 24.37 -14.64 11.15
N ARG C 127 25.43 -15.42 11.36
CA ARG C 127 25.75 -15.99 12.66
C ARG C 127 26.85 -15.12 13.24
N GLN C 128 26.46 -14.28 14.21
CA GLN C 128 27.34 -13.26 14.72
C GLN C 128 28.00 -13.81 15.98
N ASP C 129 29.13 -13.19 16.33
CA ASP C 129 29.79 -13.45 17.60
C ASP C 129 28.94 -12.84 18.70
N PRO C 130 28.49 -13.65 19.69
CA PRO C 130 27.66 -13.17 20.79
C PRO C 130 28.14 -11.88 21.44
N THR C 131 29.43 -11.78 21.72
CA THR C 131 29.93 -10.57 22.33
C THR C 131 29.53 -9.37 21.45
N GLU C 132 30.00 -9.40 20.20
CA GLU C 132 29.87 -8.26 19.31
C GLU C 132 28.41 -7.91 19.15
N CYS C 133 27.57 -8.94 19.04
CA CYS C 133 26.16 -8.72 18.81
C CYS C 133 25.56 -7.98 20.00
N LEU C 134 25.88 -8.48 21.21
CA LEU C 134 25.28 -8.02 22.44
C LEU C 134 25.56 -6.53 22.63
N PHE C 135 26.85 -6.17 22.58
CA PHE C 135 27.24 -4.81 22.88
C PHE C 135 26.84 -3.89 21.71
N SER C 136 26.73 -4.44 20.51
CA SER C 136 26.25 -3.62 19.42
C SER C 136 24.79 -3.25 19.65
N PHE C 137 24.00 -4.21 20.15
CA PHE C 137 22.56 -3.97 20.31
C PHE C 137 22.27 -3.30 21.64
N ILE C 138 23.24 -3.27 22.56
CA ILE C 138 23.11 -2.42 23.73
C ILE C 138 23.20 -0.97 23.30
N CYS C 139 23.96 -0.71 22.24
CA CYS C 139 24.00 0.63 21.65
C CYS C 139 22.77 0.88 20.78
N SER C 140 21.82 -0.07 20.69
CA SER C 140 20.74 0.04 19.73
C SER C 140 19.58 0.88 20.24
N SER C 141 19.47 1.09 21.55
CA SER C 141 18.33 1.82 22.10
C SER C 141 18.20 3.18 21.41
N ASN C 142 16.97 3.53 21.04
CA ASN C 142 16.63 4.84 20.51
C ASN C 142 17.63 5.24 19.42
N ASN C 143 17.85 4.38 18.43
CA ASN C 143 18.81 4.69 17.38
C ASN C 143 18.31 4.19 16.03
N ASN C 144 18.96 4.71 14.98
CA ASN C 144 18.87 4.16 13.64
C ASN C 144 20.19 3.45 13.32
N ILE C 145 20.24 2.83 12.14
CA ILE C 145 21.37 2.00 11.73
C ILE C 145 22.65 2.83 11.64
N ALA C 146 22.52 4.06 11.12
CA ALA C 146 23.67 4.90 10.78
C ALA C 146 24.41 5.32 12.06
N ARG C 147 23.66 5.75 13.09
CA ARG C 147 24.26 6.15 14.35
C ARG C 147 25.03 5.01 14.99
N ILE C 148 24.48 3.79 14.87
CA ILE C 148 25.02 2.61 15.51
C ILE C 148 26.29 2.18 14.78
N THR C 149 26.26 2.24 13.45
CA THR C 149 27.40 1.94 12.61
C THR C 149 28.61 2.77 13.06
N GLY C 150 28.35 4.07 13.31
CA GLY C 150 29.39 4.99 13.77
C GLY C 150 29.89 4.61 15.17
N MET C 151 28.94 4.44 16.09
CA MET C 151 29.23 4.12 17.46
C MET C 151 30.08 2.86 17.55
N VAL C 152 29.78 1.83 16.75
CA VAL C 152 30.50 0.57 16.80
C VAL C 152 31.92 0.79 16.27
N GLU C 153 32.06 1.57 15.21
CA GLU C 153 33.37 1.85 14.65
C GLU C 153 34.26 2.50 15.72
N ARG C 154 33.74 3.61 16.28
CA ARG C 154 34.45 4.39 17.27
C ARG C 154 34.78 3.52 18.49
N LEU C 155 33.84 2.64 18.87
CA LEU C 155 34.05 1.73 19.97
C LEU C 155 35.24 0.82 19.66
N CYS C 156 35.31 0.33 18.41
CA CYS C 156 36.31 -0.63 18.01
C CYS C 156 37.68 0.06 17.91
N GLN C 157 37.73 1.26 17.32
CA GLN C 157 38.98 2.00 17.17
C GLN C 157 39.59 2.30 18.54
N ALA C 158 38.72 2.59 19.52
CA ALA C 158 39.18 3.04 20.82
C ALA C 158 39.44 1.87 21.77
N PHE C 159 38.79 0.72 21.59
CA PHE C 159 38.93 -0.35 22.56
C PHE C 159 39.39 -1.67 21.94
N GLY C 160 39.47 -1.70 20.60
CA GLY C 160 39.71 -2.95 19.90
C GLY C 160 41.09 -2.99 19.26
N PRO C 161 41.67 -4.20 19.12
CA PRO C 161 42.97 -4.36 18.47
C PRO C 161 42.96 -3.73 17.07
N ARG C 162 44.03 -3.02 16.73
CA ARG C 162 44.30 -2.60 15.36
C ARG C 162 44.74 -3.84 14.59
N LEU C 163 44.23 -4.00 13.36
CA LEU C 163 44.44 -5.21 12.58
C LEU C 163 45.26 -4.92 11.32
N ILE C 164 44.78 -3.94 10.54
CA ILE C 164 45.36 -3.59 9.25
C ILE C 164 44.71 -2.30 8.76
N GLN C 165 45.39 -1.64 7.81
CA GLN C 165 44.87 -0.45 7.16
C GLN C 165 44.82 -0.67 5.65
N LEU C 166 43.64 -0.41 5.05
CA LEU C 166 43.44 -0.47 3.61
C LEU C 166 42.96 0.88 3.13
N ASP C 167 43.62 1.47 2.14
CA ASP C 167 43.37 2.85 1.78
C ASP C 167 43.44 3.68 3.06
N ASP C 168 42.41 4.50 3.32
CA ASP C 168 42.42 5.41 4.47
C ASP C 168 41.66 4.78 5.63
N VAL C 169 41.29 3.49 5.52
CA VAL C 169 40.42 2.86 6.50
C VAL C 169 41.27 1.95 7.39
N THR C 170 41.20 2.23 8.70
CA THR C 170 41.93 1.49 9.71
C THR C 170 40.95 0.55 10.40
N TYR C 171 41.17 -0.77 10.24
CA TYR C 171 40.24 -1.76 10.71
C TYR C 171 40.71 -2.27 12.07
N HIS C 172 39.87 -2.07 13.09
CA HIS C 172 40.08 -2.68 14.39
C HIS C 172 39.08 -3.82 14.60
N GLY C 173 39.50 -4.80 15.40
CA GLY C 173 38.65 -5.86 15.90
C GLY C 173 37.67 -5.33 16.95
N PHE C 174 36.62 -6.09 17.22
CA PHE C 174 35.71 -5.77 18.31
C PHE C 174 36.44 -6.07 19.63
N PRO C 175 36.28 -5.22 20.66
CA PRO C 175 36.83 -5.48 21.99
C PRO C 175 36.53 -6.85 22.59
N ASN C 176 37.40 -7.28 23.50
CA ASN C 176 37.10 -8.43 24.34
C ASN C 176 36.46 -7.88 25.62
N LEU C 177 35.87 -8.78 26.39
CA LEU C 177 35.13 -8.41 27.59
C LEU C 177 36.02 -7.63 28.56
N HIS C 178 37.28 -8.08 28.69
CA HIS C 178 38.24 -7.44 29.56
C HIS C 178 38.34 -5.95 29.23
N ALA C 179 38.44 -5.64 27.94
CA ALA C 179 38.64 -4.26 27.50
C ALA C 179 37.47 -3.39 27.94
N LEU C 180 36.27 -3.97 27.99
CA LEU C 180 35.07 -3.20 28.23
C LEU C 180 34.79 -3.09 29.73
N ALA C 181 35.30 -4.05 30.52
CA ALA C 181 35.03 -4.14 31.95
C ALA C 181 36.02 -3.34 32.79
N GLY C 182 36.98 -2.64 32.17
CA GLY C 182 37.96 -1.86 32.93
C GLY C 182 37.32 -0.63 33.57
N PRO C 183 37.88 -0.06 34.68
CA PRO C 183 37.19 0.98 35.44
C PRO C 183 36.91 2.26 34.65
N GLU C 184 37.91 2.71 33.88
CA GLU C 184 37.81 4.00 33.21
C GLU C 184 37.16 3.81 31.84
N ALA C 185 36.61 2.61 31.60
CA ALA C 185 35.91 2.31 30.35
C ALA C 185 34.73 3.26 30.16
N GLU C 186 33.83 3.28 31.14
CA GLU C 186 32.65 4.11 31.10
C GLU C 186 33.03 5.55 30.72
N THR C 187 34.02 6.11 31.42
CA THR C 187 34.45 7.49 31.18
C THR C 187 34.67 7.72 29.69
N HIS C 188 35.41 6.78 29.07
CA HIS C 188 35.80 6.87 27.67
C HIS C 188 34.54 6.69 26.82
N LEU C 189 33.79 5.61 27.08
CA LEU C 189 32.58 5.31 26.35
C LEU C 189 31.63 6.51 26.34
N ARG C 190 31.52 7.19 27.49
CA ARG C 190 30.64 8.35 27.60
C ARG C 190 31.14 9.47 26.68
N LYS C 191 32.47 9.58 26.56
CA LYS C 191 33.10 10.56 25.69
C LYS C 191 32.83 10.22 24.22
N LEU C 192 32.46 8.96 23.94
CA LEU C 192 32.19 8.52 22.58
C LEU C 192 30.72 8.69 22.18
N GLY C 193 29.89 9.22 23.10
CA GLY C 193 28.55 9.67 22.78
C GLY C 193 27.46 8.65 23.12
N LEU C 194 27.85 7.59 23.85
CA LEU C 194 26.94 6.49 24.18
C LEU C 194 25.99 6.86 25.32
N GLY C 195 26.18 8.04 25.93
CA GLY C 195 25.30 8.48 27.00
C GLY C 195 25.21 7.42 28.09
N TYR C 196 24.01 7.29 28.68
CA TYR C 196 23.83 6.45 29.86
C TYR C 196 24.19 4.99 29.52
N ARG C 197 24.10 4.60 28.25
CA ARG C 197 24.30 3.21 27.85
C ARG C 197 25.71 2.74 28.23
N ALA C 198 26.67 3.68 28.30
CA ALA C 198 28.02 3.38 28.75
C ALA C 198 28.04 2.56 30.04
N ARG C 199 27.15 2.85 30.99
CA ARG C 199 27.07 2.07 32.22
C ARG C 199 26.72 0.62 31.91
N TYR C 200 25.77 0.41 31.00
CA TYR C 200 25.23 -0.92 30.76
C TYR C 200 26.28 -1.77 30.05
N VAL C 201 27.04 -1.14 29.15
CA VAL C 201 28.12 -1.82 28.45
C VAL C 201 29.12 -2.35 29.48
N ARG C 202 29.62 -1.45 30.33
CA ARG C 202 30.66 -1.79 31.28
C ARG C 202 30.15 -2.81 32.29
N ALA C 203 28.91 -2.59 32.75
CA ALA C 203 28.31 -3.43 33.78
C ALA C 203 28.12 -4.87 33.28
N SER C 204 27.58 -4.98 32.06
CA SER C 204 27.31 -6.28 31.47
C SER C 204 28.64 -7.01 31.21
N ALA C 205 29.63 -6.26 30.71
CA ALA C 205 30.95 -6.82 30.47
C ALA C 205 31.50 -7.39 31.77
N LYS C 206 31.47 -6.57 32.81
CA LYS C 206 32.05 -6.93 34.10
C LYS C 206 31.30 -8.12 34.68
N ALA C 207 29.97 -8.16 34.45
CA ALA C 207 29.15 -9.23 34.99
C ALA C 207 29.49 -10.56 34.30
N ILE C 208 29.69 -10.53 32.98
CA ILE C 208 29.82 -11.77 32.26
C ILE C 208 31.13 -12.46 32.64
N LEU C 209 32.20 -11.66 32.72
CA LEU C 209 33.48 -12.16 33.18
C LEU C 209 33.33 -12.75 34.57
N GLU C 210 33.13 -11.87 35.56
CA GLU C 210 33.41 -12.21 36.95
C GLU C 210 32.30 -13.10 37.49
N GLU C 211 31.03 -12.68 37.33
CA GLU C 211 29.90 -13.42 37.89
C GLU C 211 29.61 -14.68 37.07
N GLN C 212 29.56 -14.56 35.74
CA GLN C 212 28.97 -15.60 34.91
C GLN C 212 30.04 -16.59 34.43
N GLY C 213 31.32 -16.25 34.62
CA GLY C 213 32.40 -17.18 34.37
C GLY C 213 32.82 -17.19 32.91
N GLY C 214 33.13 -16.00 32.41
CA GLY C 214 33.86 -15.80 31.17
C GLY C 214 32.94 -15.76 29.94
N PRO C 215 33.51 -15.52 28.75
CA PRO C 215 32.74 -15.55 27.50
C PRO C 215 32.29 -16.94 27.09
N ALA C 216 32.73 -17.97 27.83
CA ALA C 216 32.22 -19.31 27.64
C ALA C 216 30.73 -19.37 27.97
N TRP C 217 30.28 -18.46 28.84
CA TRP C 217 28.88 -18.44 29.27
C TRP C 217 27.95 -18.24 28.06
N LEU C 218 28.38 -17.35 27.14
CA LEU C 218 27.60 -17.03 25.97
C LEU C 218 27.53 -18.24 25.03
N GLN C 219 28.63 -18.96 24.87
CA GLN C 219 28.62 -20.20 24.11
C GLN C 219 27.59 -21.17 24.73
N GLN C 220 27.52 -21.21 26.06
CA GLN C 220 26.53 -22.08 26.71
C GLN C 220 25.12 -21.72 26.23
N LEU C 221 24.82 -20.41 26.15
CA LEU C 221 23.48 -19.96 25.78
C LEU C 221 23.15 -20.37 24.35
N ARG C 222 24.18 -20.47 23.52
CA ARG C 222 24.02 -20.85 22.13
C ARG C 222 23.54 -22.30 22.03
N VAL C 223 23.80 -23.12 23.05
CA VAL C 223 23.35 -24.51 23.03
C VAL C 223 22.11 -24.65 23.91
N ALA C 224 22.00 -23.77 24.92
CA ALA C 224 20.83 -23.69 25.76
C ALA C 224 19.57 -23.49 24.91
N PRO C 225 18.37 -23.92 25.35
CA PRO C 225 17.15 -23.71 24.57
C PRO C 225 16.74 -22.24 24.64
N TYR C 226 15.98 -21.83 23.61
CA TYR C 226 15.63 -20.43 23.36
C TYR C 226 15.23 -19.72 24.64
N GLU C 227 14.25 -20.29 25.34
CA GLU C 227 13.52 -19.60 26.39
C GLU C 227 14.47 -19.26 27.53
N GLU C 228 15.39 -20.17 27.81
CA GLU C 228 16.36 -20.05 28.89
C GLU C 228 17.41 -19.01 28.54
N ALA C 229 17.78 -18.96 27.26
CA ALA C 229 18.75 -18.01 26.75
C ALA C 229 18.22 -16.58 26.85
N HIS C 230 16.93 -16.43 26.50
CA HIS C 230 16.26 -15.13 26.54
C HIS C 230 16.20 -14.63 27.98
N LYS C 231 15.62 -15.47 28.85
CA LYS C 231 15.57 -15.25 30.29
C LYS C 231 16.95 -14.81 30.79
N ALA C 232 17.97 -15.59 30.45
CA ALA C 232 19.31 -15.31 30.95
C ALA C 232 19.82 -13.94 30.48
N LEU C 233 19.57 -13.61 29.20
CA LEU C 233 20.05 -12.35 28.62
C LEU C 233 19.38 -11.17 29.30
N CYS C 234 18.11 -11.31 29.70
CA CYS C 234 17.33 -10.18 30.22
C CYS C 234 17.79 -9.80 31.63
N THR C 235 18.55 -10.72 32.27
CA THR C 235 19.32 -10.50 33.47
C THR C 235 20.28 -9.32 33.33
N LEU C 236 20.78 -9.13 32.11
CA LEU C 236 21.92 -8.26 31.93
C LEU C 236 21.45 -6.81 31.96
N PRO C 237 22.28 -5.90 32.52
CA PRO C 237 22.06 -4.46 32.42
C PRO C 237 21.86 -3.97 30.99
N GLY C 238 20.75 -3.26 30.77
CA GLY C 238 20.45 -2.65 29.48
C GLY C 238 19.83 -3.61 28.46
N VAL C 239 19.55 -4.86 28.87
CA VAL C 239 19.08 -5.87 27.94
C VAL C 239 17.64 -6.22 28.30
N GLY C 240 16.71 -5.77 27.44
CA GLY C 240 15.30 -6.13 27.54
C GLY C 240 14.91 -7.16 26.49
N ALA C 241 13.62 -7.49 26.44
CA ALA C 241 13.10 -8.55 25.59
C ALA C 241 13.47 -8.34 24.13
N LYS C 242 13.35 -7.12 23.60
CA LYS C 242 13.57 -6.92 22.17
C LYS C 242 15.03 -7.23 21.84
N VAL C 243 15.96 -6.61 22.57
CA VAL C 243 17.37 -6.81 22.31
C VAL C 243 17.77 -8.27 22.56
N ALA C 244 17.17 -8.90 23.56
CA ALA C 244 17.44 -10.30 23.84
C ALA C 244 17.04 -11.15 22.65
N ASP C 245 15.90 -10.80 22.03
CA ASP C 245 15.40 -11.56 20.90
C ASP C 245 16.33 -11.33 19.69
N CYS C 246 16.85 -10.10 19.56
CA CYS C 246 17.76 -9.83 18.47
C CYS C 246 18.96 -10.77 18.63
N ILE C 247 19.56 -10.75 19.81
CA ILE C 247 20.76 -11.52 20.09
C ILE C 247 20.48 -13.02 19.93
N CYS C 248 19.33 -13.48 20.43
CA CYS C 248 18.96 -14.88 20.32
C CYS C 248 18.97 -15.28 18.86
N LEU C 249 18.35 -14.45 18.01
CA LEU C 249 18.18 -14.79 16.61
C LEU C 249 19.50 -14.71 15.85
N MET C 250 20.39 -13.79 16.25
CA MET C 250 21.49 -13.38 15.39
C MET C 250 22.81 -13.97 15.85
N ALA C 251 22.88 -14.52 17.07
CA ALA C 251 24.15 -14.99 17.60
C ALA C 251 24.03 -16.25 18.45
N LEU C 252 22.81 -16.70 18.79
CA LEU C 252 22.64 -17.90 19.62
C LEU C 252 21.83 -18.96 18.88
N ASP C 253 21.74 -18.88 17.56
CA ASP C 253 21.11 -19.92 16.78
C ASP C 253 19.72 -20.26 17.34
N LYS C 254 18.92 -19.24 17.65
CA LYS C 254 17.51 -19.44 17.94
C LYS C 254 16.72 -18.82 16.81
N PRO C 255 16.53 -19.54 15.68
CA PRO C 255 15.91 -18.95 14.50
C PRO C 255 14.44 -18.59 14.71
N GLN C 256 13.85 -19.04 15.82
CA GLN C 256 12.43 -18.83 16.08
C GLN C 256 12.26 -17.54 16.90
N ALA C 257 13.36 -16.92 17.32
CA ALA C 257 13.30 -15.66 18.03
C ALA C 257 12.75 -14.61 17.08
N VAL C 258 11.73 -13.88 17.53
CA VAL C 258 11.06 -12.84 16.75
C VAL C 258 11.14 -11.55 17.55
N PRO C 259 12.07 -10.62 17.25
CA PRO C 259 12.14 -9.38 17.99
C PRO C 259 10.95 -8.50 17.67
N VAL C 260 10.27 -8.01 18.70
CA VAL C 260 9.09 -7.20 18.52
C VAL C 260 9.32 -5.77 19.00
N ASP C 261 9.08 -4.83 18.09
CA ASP C 261 9.08 -3.42 18.36
C ASP C 261 7.96 -2.81 17.54
N VAL C 262 8.00 -1.50 17.34
CA VAL C 262 6.89 -0.78 16.78
C VAL C 262 6.82 -1.02 15.28
N HIS C 263 7.96 -1.30 14.65
CA HIS C 263 7.96 -1.55 13.22
C HIS C 263 7.20 -2.85 12.93
N VAL C 264 7.36 -3.87 13.79
CA VAL C 264 6.73 -5.15 13.50
C VAL C 264 5.25 -5.07 13.88
N TRP C 265 4.93 -4.37 14.96
CA TRP C 265 3.54 -4.01 15.26
C TRP C 265 2.84 -3.48 14.00
N GLN C 266 3.50 -2.55 13.31
CA GLN C 266 2.94 -1.86 12.17
C GLN C 266 2.70 -2.85 11.03
N ILE C 267 3.71 -3.68 10.73
CA ILE C 267 3.59 -4.71 9.73
C ILE C 267 2.45 -5.69 10.09
N ALA C 268 2.48 -6.20 11.32
CA ALA C 268 1.49 -7.16 11.76
C ALA C 268 0.08 -6.62 11.56
N HIS C 269 -0.13 -5.35 11.88
CA HIS C 269 -1.47 -4.80 11.83
C HIS C 269 -1.90 -4.54 10.40
N ARG C 270 -1.05 -3.82 9.65
CA ARG C 270 -1.35 -3.43 8.27
C ARG C 270 -1.45 -4.64 7.37
N ASP C 271 -0.49 -5.56 7.51
CA ASP C 271 -0.29 -6.58 6.51
C ASP C 271 -0.96 -7.89 6.91
N TYR C 272 -1.15 -8.13 8.22
CA TYR C 272 -1.76 -9.36 8.70
C TYR C 272 -3.10 -9.10 9.37
N GLY C 273 -3.47 -7.84 9.60
CA GLY C 273 -4.73 -7.54 10.28
C GLY C 273 -4.73 -7.95 11.77
N TRP C 274 -3.54 -8.00 12.37
CA TRP C 274 -3.37 -8.40 13.75
C TRP C 274 -3.69 -7.27 14.71
N HIS C 275 -4.52 -7.60 15.71
CA HIS C 275 -4.71 -6.77 16.88
C HIS C 275 -4.42 -7.66 18.07
N PRO C 276 -3.91 -7.14 19.22
CA PRO C 276 -3.65 -7.99 20.38
C PRO C 276 -4.98 -8.46 20.94
N LYS C 277 -5.07 -9.76 21.23
CA LYS C 277 -6.34 -10.40 21.54
C LYS C 277 -6.42 -10.53 23.06
N THR C 278 -5.35 -10.06 23.74
CA THR C 278 -5.40 -9.71 25.15
C THR C 278 -6.27 -8.47 25.37
N SER C 279 -6.49 -7.70 24.28
CA SER C 279 -7.57 -6.73 24.18
C SER C 279 -7.41 -5.55 25.14
N GLN C 280 -6.19 -5.34 25.68
CA GLN C 280 -6.00 -4.48 26.84
C GLN C 280 -5.93 -3.01 26.41
N ALA C 281 -4.93 -2.68 25.60
CA ALA C 281 -5.02 -1.55 24.67
C ALA C 281 -4.90 -2.16 23.28
N LYS C 282 -4.66 -1.31 22.27
CA LYS C 282 -4.27 -1.78 20.94
C LYS C 282 -2.86 -1.26 20.63
N GLY C 283 -2.03 -1.10 21.68
CA GLY C 283 -0.69 -0.54 21.56
C GLY C 283 0.35 -1.34 22.35
N PRO C 284 1.66 -1.21 22.03
CA PRO C 284 2.69 -2.06 22.64
C PRO C 284 2.63 -2.16 24.16
N SER C 285 2.98 -3.35 24.65
CA SER C 285 3.09 -3.67 26.06
C SER C 285 3.85 -4.99 26.19
N PRO C 286 4.54 -5.27 27.32
CA PRO C 286 5.27 -6.52 27.47
C PRO C 286 4.47 -7.73 26.97
N LEU C 287 3.20 -7.83 27.37
CA LEU C 287 2.41 -9.02 27.11
C LEU C 287 1.95 -9.06 25.66
N ALA C 288 1.58 -7.89 25.10
CA ALA C 288 1.08 -7.84 23.74
C ALA C 288 2.21 -8.15 22.76
N ASN C 289 3.40 -7.64 23.06
CA ASN C 289 4.59 -7.93 22.30
C ASN C 289 4.89 -9.43 22.30
N LYS C 290 4.86 -10.02 23.50
CA LYS C 290 5.10 -11.45 23.65
C LYS C 290 4.10 -12.22 22.78
N GLU C 291 2.85 -11.77 22.79
CA GLU C 291 1.80 -12.42 22.04
C GLU C 291 2.13 -12.32 20.56
N LEU C 292 2.61 -11.16 20.11
CA LEU C 292 2.86 -10.93 18.70
C LEU C 292 3.96 -11.87 18.22
N GLY C 293 4.96 -12.09 19.08
CA GLY C 293 6.05 -13.00 18.80
C GLY C 293 5.54 -14.41 18.56
N ASN C 294 4.65 -14.86 19.46
CA ASN C 294 4.02 -16.17 19.34
C ASN C 294 3.15 -16.22 18.09
N PHE C 295 2.45 -15.14 17.77
CA PHE C 295 1.67 -15.10 16.56
C PHE C 295 2.55 -15.52 15.36
N PHE C 296 3.71 -14.89 15.22
CA PHE C 296 4.55 -15.11 14.06
C PHE C 296 5.20 -16.49 14.14
N ARG C 297 5.57 -16.95 15.33
CA ARG C 297 6.14 -18.28 15.46
C ARG C 297 5.12 -19.31 15.00
N ASN C 298 3.86 -19.13 15.38
CA ASN C 298 2.84 -20.12 15.09
C ASN C 298 2.48 -20.04 13.60
N LEU C 299 2.74 -18.93 12.92
CA LEU C 299 2.45 -18.82 11.49
C LEU C 299 3.58 -19.37 10.65
N TRP C 300 4.83 -19.02 10.97
CA TRP C 300 5.96 -19.30 10.09
C TRP C 300 6.73 -20.54 10.53
N GLY C 301 6.55 -20.92 11.79
CA GLY C 301 7.19 -22.11 12.30
C GLY C 301 8.53 -21.75 12.94
N PRO C 302 9.52 -22.67 12.88
CA PRO C 302 10.67 -22.58 13.77
C PRO C 302 11.83 -21.75 13.24
N TYR C 303 11.63 -21.13 12.05
CA TYR C 303 12.51 -20.11 11.51
C TYR C 303 11.76 -18.78 11.37
N ALA C 304 10.87 -18.49 12.31
CA ALA C 304 10.03 -17.30 12.24
C ALA C 304 10.89 -16.03 12.13
N GLY C 305 11.98 -15.96 12.88
CA GLY C 305 12.86 -14.80 12.85
C GLY C 305 13.45 -14.56 11.45
N TRP C 306 13.79 -15.65 10.75
CA TRP C 306 14.35 -15.57 9.41
C TRP C 306 13.28 -15.05 8.45
N ALA C 307 12.04 -15.51 8.61
CA ALA C 307 10.95 -15.01 7.80
C ALA C 307 10.79 -13.51 8.01
N GLN C 308 10.76 -13.11 9.28
CA GLN C 308 10.66 -11.70 9.65
C GLN C 308 11.72 -10.87 8.94
N ALA C 309 12.96 -11.40 8.88
CA ALA C 309 14.08 -10.69 8.26
C ALA C 309 13.82 -10.37 6.79
N VAL C 310 13.00 -11.18 6.13
CA VAL C 310 12.69 -10.93 4.74
C VAL C 310 11.79 -9.69 4.66
N LEU C 311 10.82 -9.59 5.60
CA LEU C 311 9.84 -8.51 5.58
C LEU C 311 10.49 -7.17 5.93
N PHE C 312 11.36 -7.21 6.95
CA PHE C 312 12.13 -6.05 7.36
C PHE C 312 12.97 -5.55 6.17
N SER C 313 13.57 -6.48 5.43
CA SER C 313 14.38 -6.12 4.28
C SER C 313 13.51 -5.60 3.13
N ALA C 314 12.19 -5.81 3.20
CA ALA C 314 11.27 -5.23 2.23
C ALA C 314 10.69 -3.90 2.73
N ASP C 315 10.96 -3.59 4.00
CA ASP C 315 10.44 -2.39 4.65
C ASP C 315 11.48 -1.27 4.58
N LEU C 316 12.69 -1.58 4.11
CA LEU C 316 13.70 -0.57 3.79
C LEU C 316 13.78 -0.41 2.27
N ARG C 317 12.84 -1.06 1.57
CA ARG C 317 12.70 -1.04 0.12
C ARG C 317 11.22 -1.31 -0.21
C10 A1IBJ D . -11.40 -16.44 -4.20
N12 A1IBJ D . -10.64 -17.54 -4.35
C13 A1IBJ D . -10.49 -18.08 -5.60
C17 A1IBJ D . -11.12 -17.49 -6.69
C01 A1IBJ D . -15.85 -10.41 -6.42
O02 A1IBJ D . -15.82 -11.23 -7.57
C03 A1IBJ D . -14.97 -12.37 -7.55
N04 A1IBJ D . -14.99 -13.21 -6.50
C05 A1IBJ D . -14.23 -14.31 -6.44
C06 A1IBJ D . -13.40 -14.58 -7.54
N07 A1IBJ D . -12.55 -15.74 -7.62
C08 A1IBJ D . -11.92 -16.34 -6.46
N09 A1IBJ D . -12.04 -15.86 -5.22
N11 A1IBJ D . -11.54 -15.85 -2.90
N14 A1IBJ D . -9.82 -19.15 -6.09
N15 A1IBJ D . -10.01 -19.22 -7.45
C16 A1IBJ D . -10.79 -18.23 -7.85
C18 A1IBJ D . -13.37 -13.76 -8.64
C19 A1IBJ D . -14.16 -12.61 -8.66
CL1 A1IBJ D . -14.11 -11.56 -10.13
H013 A1IBJ D . -16.31 -9.62 -6.63
H011 A1IBJ D . -14.97 -10.21 -6.16
H012 A1IBJ D . -16.29 -10.86 -5.74
H051 A1IBJ D . -14.27 -14.86 -5.70
H071 A1IBJ D . -12.43 -16.12 -8.40
H112 A1IBJ D . -12.17 -15.27 -2.75
H111 A1IBJ D . -10.99 -16.06 -2.26
H141 A1IBJ D . -9.32 -19.70 -5.62
H161 A1IBJ D . -11.10 -18.07 -8.71
H181 A1IBJ D . -12.81 -13.96 -9.36
NI NI E . -7.17 -2.45 12.87
S SO4 F . -24.50 -14.07 3.05
O1 SO4 F . -23.58 -13.06 2.56
O2 SO4 F . -23.95 -14.62 4.26
O3 SO4 F . -25.79 -13.51 3.34
O4 SO4 F . -24.63 -15.10 2.04
C10 A1IBJ G . -10.59 16.67 2.47
N12 A1IBJ G . -11.75 16.79 1.80
C13 A1IBJ G . -11.91 17.84 0.91
C17 A1IBJ G . -10.89 18.77 0.73
C01 A1IBJ G . -4.36 18.69 6.01
O02 A1IBJ G . -4.36 19.56 4.90
C03 A1IBJ G . -5.51 19.52 4.06
N04 A1IBJ G . -6.77 19.27 4.53
C05 A1IBJ G . -7.82 19.28 3.70
C06 A1IBJ G . -7.60 19.54 2.31
N07 A1IBJ G . -8.65 19.54 1.32
C08 A1IBJ G . -9.72 18.59 1.47
N09 A1IBJ G . -9.63 17.56 2.33
N11 A1IBJ G . -10.29 15.60 3.42
N14 A1IBJ G . -12.91 18.26 0.08
N15 A1IBJ G . -12.49 19.40 -0.59
C16 A1IBJ G . -11.27 19.73 -0.22
C18 A1IBJ G . -6.34 19.78 1.81
C19 A1IBJ G . -5.29 19.76 2.71
CL1 A1IBJ G . -3.66 20.10 2.11
H013 A1IBJ G . -3.51 18.68 6.39
H011 A1IBJ G . -4.59 17.82 5.72
H012 A1IBJ G . -5.00 18.97 6.64
H051 A1IBJ G . -8.68 19.10 4.03
H071 A1IBJ G . -8.75 20.24 0.80
H112 A1IBJ G . -9.70 15.73 4.04
H111 A1IBJ G . -10.69 14.83 3.35
H141 A1IBJ G . -13.67 17.86 -0.03
H161 A1IBJ G . -10.79 20.47 -0.50
H181 A1IBJ G . -6.21 19.94 0.90
#